data_7X2D
#
_entry.id   7X2D
#
_cell.length_a   1.00
_cell.length_b   1.00
_cell.length_c   1.00
_cell.angle_alpha   90.00
_cell.angle_beta   90.00
_cell.angle_gamma   90.00
#
_symmetry.space_group_name_H-M   'P 1'
#
loop_
_entity.id
_entity.type
_entity.pdbx_description
1 polymer 'D(1A) dopamine receptor'
2 polymer 'Guanine nucleotide-binding protein G(s) subunit alpha isoforms short'
3 polymer 'Guanine nucleotide-binding protein G(I)/G(S)/G(T) subunit beta-1'
4 polymer 'Guanine nucleotide-binding protein G(I)/G(S)/G(O) subunit gamma-2'
5 polymer Nanobody35
6 non-polymer CHOLESTEROL
7 non-polymer 1,5-dimethyl-6-[2-methyl-4-[3-(trifluoromethyl)pyridin-2-yl]oxy-phenyl]pyrimidine-2,4-dione
#
loop_
_entity_poly.entity_id
_entity_poly.type
_entity_poly.pdbx_seq_one_letter_code
_entity_poly.pdbx_strand_id
1 'polypeptide(L)'
;MKTIIALSYIFCLVFADYKDDDDASIDMRTLNTSAMDGTGLVVERDFSVRILTACFLSLLILSTLLGNTLVCAAVIRFRH
LRSKVTNFFVISLAVSDLLVAVLVMPWKAVAEIAGFWPFGSFCNIWVAFDIMCSTASILNLCVISVDRYWAISSPFRYER
KMTPKAAFILISVAWTLSVLISFIPVQLSWHKAKPTSPSDGNATSLAETIDNCDSSLSRTYAISSSVISFYIPVAIMIVT
YTRIYRIAQKQIRRIAALERAAVHAKNCQTTTGNGKPVECSQPESSFKMSFKRETKVLKTLSVIMGVFVCCWLPFFILNC
ILPFCGSGETQPFCIDSNTFDVFVWFGWANSSLNPIIYAFNADFRKAFSTLLGCYRLCPATNNAIETVSINNNGAAMFSS
HHEPRGSISKECNLVYLIPHAVGSSEDLKKEEAAGIARPLEKLSPALSVILDYDTDVSLEKIQPITQNGQHPT
;
F
2 'polypeptide(L)'
;NSKTEDQRNEEKAQREANKKIEKQLQKDKQVYRATHRLLLLGADNSGKSTIVKQMRILHGGSGGSGGTSGIFETKFQVDK
VNFHMFDVGGQRDERRKWIQCFNDVTAIIFVVDSSDYNRLQEALNLFKSIWNNRWLRTISVILFLNKQDLLAEKVLAGKS
KIEDYFPEFARYTTPEDATPEPGEDPRVTRAKYFIRDEFLRISTASGDGRHYCYPHFTCAVDTENARRIFNDCRDIIQRM
HLRQYELL
;
A
3 'polypeptide(L)'
;MHHHHHHLEVLFQGPGSSGSELDQLRQEAEQLKNQIRDARKACADATLSQITNNIDPVGRIQMRTRRTLRGHLAKIYAMH
WGTDSRLLVSASQDGKLIIWDSYTTNKVHAIPLRSSWVMTCAYAPSGNYVACGGLDNICSIYNLKTREGNVRVSRELAGH
TGYLSCCRFLDDNQIVTSSGDTTCALWDIETGQQTTTFTGHTGDVMSLSLAPDTRLFVSGACDASAKLWDVREGMCRQTF
TGHESDINAICFFPNGNAFATGSDDATCRLFDLRADQELMTYSHDNIICGITSVSFSKSGRLLLAGYDDFNCNVWDALKA
DRAGVLAGHDNRVSCLGVTDDGMAVATGSWDSFLKIWN
;
B
4 'polypeptide(L)' MASNNTASIAQARKLVEQLKMEANIDRIKVSKAAADLMAYCEAHAKEDPLLTPVPASENPFREKKFFSAIL D
5 'polypeptide(L)'
;MKYLLPTAAAGLLLLAAQPAMAQVQLQESGGGLVQPGGSLRLSCAASGFTFSNYKMNWVRQAPGKGLEWVSDISQSGASI
SYTGSVKGRFTISRDNAKNTLYLQMNSLKPEDTAVYYCARCPAPFTRDCFDVTSTTYAYRGQGTQVTVSSHHHHHHEPEA
;
E
#
loop_
_chem_comp.id
_chem_comp.type
_chem_comp.name
_chem_comp.formula
86W non-polymer 1,5-dimethyl-6-[2-methyl-4-[3-(trifluoromethyl)pyridin-2-yl]oxy-phenyl]pyrimidine-2,4-dione 'C19 H16 F3 N3 O3'
CLR non-polymer CHOLESTEROL 'C27 H46 O'
#
# COMPACT_ATOMS: atom_id res chain seq x y z
N PHE A 47 -58.21 -6.97 20.59
CA PHE A 47 -58.17 -6.04 19.47
C PHE A 47 -56.95 -6.28 18.60
N SER A 48 -56.97 -5.71 17.39
CA SER A 48 -55.85 -5.85 16.47
C SER A 48 -54.68 -4.96 16.84
N VAL A 49 -54.88 -3.93 17.67
CA VAL A 49 -53.79 -3.05 18.06
C VAL A 49 -52.77 -3.81 18.91
N ARG A 50 -53.23 -4.75 19.73
CA ARG A 50 -52.32 -5.52 20.57
C ARG A 50 -51.33 -6.31 19.73
N ILE A 51 -51.81 -6.94 18.66
CA ILE A 51 -50.94 -7.74 17.81
C ILE A 51 -49.90 -6.87 17.13
N LEU A 52 -50.30 -5.70 16.62
CA LEU A 52 -49.34 -4.84 15.94
C LEU A 52 -48.32 -4.27 16.92
N THR A 53 -48.74 -3.90 18.13
CA THR A 53 -47.76 -3.46 19.13
C THR A 53 -46.79 -4.57 19.48
N ALA A 54 -47.30 -5.80 19.67
CA ALA A 54 -46.43 -6.92 20.01
C ALA A 54 -45.42 -7.18 18.90
N CYS A 55 -45.87 -7.15 17.64
CA CYS A 55 -44.94 -7.37 16.54
C CYS A 55 -43.94 -6.23 16.40
N PHE A 56 -44.36 -4.99 16.69
CA PHE A 56 -43.44 -3.87 16.64
C PHE A 56 -42.33 -4.01 17.69
N LEU A 57 -42.70 -4.35 18.93
CA LEU A 57 -41.68 -4.54 19.95
C LEU A 57 -40.79 -5.75 19.63
N SER A 58 -41.38 -6.82 19.08
CA SER A 58 -40.58 -7.96 18.68
C SER A 58 -39.57 -7.58 17.60
N LEU A 59 -40.00 -6.78 16.62
CA LEU A 59 -39.09 -6.33 15.58
C LEU A 59 -37.98 -5.45 16.15
N LEU A 60 -38.33 -4.55 17.08
CA LEU A 60 -37.33 -3.70 17.70
C LEU A 60 -36.28 -4.53 18.43
N ILE A 61 -36.72 -5.49 19.24
CA ILE A 61 -35.78 -6.32 20.00
C ILE A 61 -34.92 -7.15 19.05
N LEU A 62 -35.53 -7.74 18.03
CA LEU A 62 -34.78 -8.56 17.08
C LEU A 62 -33.75 -7.72 16.33
N SER A 63 -34.12 -6.51 15.92
CA SER A 63 -33.18 -5.65 15.21
C SER A 63 -32.03 -5.24 16.11
N THR A 64 -32.32 -4.90 17.37
CA THR A 64 -31.25 -4.56 18.31
C THR A 64 -30.28 -5.72 18.47
N LEU A 65 -30.82 -6.92 18.71
CA LEU A 65 -29.98 -8.09 18.88
C LEU A 65 -29.15 -8.35 17.63
N LEU A 66 -29.78 -8.27 16.46
CA LEU A 66 -29.07 -8.55 15.22
C LEU A 66 -27.93 -7.56 15.01
N GLY A 67 -28.21 -6.27 15.14
CA GLY A 67 -27.16 -5.28 14.92
C GLY A 67 -26.01 -5.40 15.89
N ASN A 68 -26.32 -5.51 17.18
CA ASN A 68 -25.24 -5.55 18.17
C ASN A 68 -24.47 -6.86 18.09
N THR A 69 -25.15 -7.98 17.85
CA THR A 69 -24.45 -9.24 17.68
C THR A 69 -23.57 -9.22 16.45
N LEU A 70 -24.04 -8.63 15.35
CA LEU A 70 -23.20 -8.51 14.16
C LEU A 70 -21.96 -7.70 14.45
N VAL A 71 -22.11 -6.56 15.13
CA VAL A 71 -20.95 -5.72 15.43
C VAL A 71 -19.97 -6.48 16.30
N CYS A 72 -20.45 -7.09 17.38
CA CYS A 72 -19.58 -7.79 18.31
C CYS A 72 -18.89 -8.97 17.63
N ALA A 73 -19.62 -9.73 16.81
CA ALA A 73 -19.04 -10.89 16.15
C ALA A 73 -18.00 -10.47 15.11
N ALA A 74 -18.28 -9.40 14.36
CA ALA A 74 -17.31 -8.91 13.40
C ALA A 74 -16.03 -8.44 14.09
N VAL A 75 -16.17 -7.84 15.27
CA VAL A 75 -14.99 -7.39 15.99
C VAL A 75 -14.23 -8.59 16.59
N ILE A 76 -14.94 -9.61 17.05
CA ILE A 76 -14.27 -10.76 17.64
C ILE A 76 -13.55 -11.58 16.57
N ARG A 77 -14.18 -11.79 15.42
CA ARG A 77 -13.64 -12.68 14.39
C ARG A 77 -12.53 -12.03 13.57
N PHE A 78 -12.44 -10.71 13.55
CA PHE A 78 -11.40 -9.99 12.82
C PHE A 78 -10.55 -9.20 13.80
N ARG A 79 -9.25 -9.15 13.55
CA ARG A 79 -8.33 -8.47 14.46
C ARG A 79 -8.05 -7.03 14.06
N HIS A 80 -8.09 -6.71 12.76
CA HIS A 80 -7.80 -5.35 12.35
C HIS A 80 -8.84 -4.37 12.88
N LEU A 81 -10.10 -4.80 12.98
CA LEU A 81 -11.10 -3.99 13.65
C LEU A 81 -10.76 -3.80 15.13
N ARG A 82 -10.27 -4.86 15.78
CA ARG A 82 -9.91 -4.78 17.18
C ARG A 82 -8.61 -4.04 17.41
N SER A 83 -7.75 -3.94 16.38
CA SER A 83 -6.43 -3.36 16.56
C SER A 83 -6.50 -1.88 16.92
N LYS A 84 -7.36 -1.13 16.24
CA LYS A 84 -7.45 0.30 16.48
C LYS A 84 -8.01 0.58 17.87
N VAL A 85 -7.46 1.60 18.52
CA VAL A 85 -7.93 1.98 19.85
C VAL A 85 -9.35 2.53 19.78
N THR A 86 -9.67 3.23 18.70
CA THR A 86 -10.99 3.84 18.56
C THR A 86 -12.11 2.82 18.64
N ASN A 87 -11.88 1.60 18.18
CA ASN A 87 -12.95 0.61 18.12
C ASN A 87 -13.30 0.05 19.50
N PHE A 88 -12.46 0.27 20.51
CA PHE A 88 -12.80 -0.17 21.86
C PHE A 88 -14.10 0.49 22.32
N PHE A 89 -14.23 1.80 22.09
CA PHE A 89 -15.44 2.50 22.50
C PHE A 89 -16.65 2.04 21.71
N VAL A 90 -16.48 1.81 20.41
CA VAL A 90 -17.59 1.35 19.59
C VAL A 90 -18.09 -0.01 20.06
N ILE A 91 -17.17 -0.92 20.38
CA ILE A 91 -17.62 -2.24 20.80
C ILE A 91 -18.14 -2.21 22.23
N SER A 92 -17.65 -1.29 23.07
CA SER A 92 -18.25 -1.13 24.38
C SER A 92 -19.69 -0.64 24.27
N LEU A 93 -19.94 0.31 23.35
CA LEU A 93 -21.31 0.76 23.10
C LEU A 93 -22.17 -0.37 22.56
N ALA A 94 -21.60 -1.20 21.67
CA ALA A 94 -22.36 -2.34 21.14
C ALA A 94 -22.71 -3.33 22.24
N VAL A 95 -21.77 -3.59 23.15
CA VAL A 95 -22.03 -4.50 24.27
C VAL A 95 -23.09 -3.90 25.20
N SER A 96 -23.04 -2.59 25.41
CA SER A 96 -24.05 -1.94 26.24
C SER A 96 -25.44 -2.07 25.62
N ASP A 97 -25.54 -1.86 24.32
CA ASP A 97 -26.84 -2.00 23.65
C ASP A 97 -27.31 -3.45 23.66
N LEU A 98 -26.39 -4.40 23.53
CA LEU A 98 -26.77 -5.81 23.62
C LEU A 98 -27.29 -6.14 25.01
N LEU A 99 -26.64 -5.60 26.05
CA LEU A 99 -27.13 -5.78 27.41
C LEU A 99 -28.52 -5.18 27.57
N VAL A 100 -28.75 -4.00 26.99
CA VAL A 100 -30.08 -3.41 27.00
C VAL A 100 -31.08 -4.37 26.40
N ALA A 101 -30.77 -4.89 25.21
CA ALA A 101 -31.72 -5.72 24.47
C ALA A 101 -31.99 -7.05 25.17
N VAL A 102 -31.01 -7.60 25.88
CA VAL A 102 -31.23 -8.88 26.54
C VAL A 102 -31.65 -8.75 28.00
N LEU A 103 -31.63 -7.54 28.56
CA LEU A 103 -32.00 -7.36 29.96
C LEU A 103 -33.31 -6.59 30.15
N VAL A 104 -33.45 -5.42 29.53
CA VAL A 104 -34.55 -4.53 29.93
C VAL A 104 -35.69 -4.55 28.93
N MET A 105 -35.39 -4.60 27.63
CA MET A 105 -36.47 -4.55 26.63
C MET A 105 -37.43 -5.73 26.68
N PRO A 106 -36.99 -6.99 26.80
CA PRO A 106 -37.96 -8.10 26.71
C PRO A 106 -39.04 -8.06 27.78
N TRP A 107 -38.67 -7.84 29.04
CA TRP A 107 -39.66 -7.86 30.11
C TRP A 107 -40.62 -6.69 29.99
N LYS A 108 -40.13 -5.52 29.57
CA LYS A 108 -41.03 -4.40 29.35
C LYS A 108 -41.99 -4.67 28.20
N ALA A 109 -41.50 -5.31 27.14
CA ALA A 109 -42.38 -5.68 26.04
C ALA A 109 -43.46 -6.66 26.51
N VAL A 110 -43.07 -7.63 27.34
CA VAL A 110 -44.03 -8.59 27.88
C VAL A 110 -45.07 -7.88 28.74
N ALA A 111 -44.62 -6.94 29.58
CA ALA A 111 -45.55 -6.18 30.41
C ALA A 111 -46.51 -5.36 29.56
N GLU A 112 -46.00 -4.73 28.50
CA GLU A 112 -46.86 -3.91 27.64
C GLU A 112 -47.89 -4.76 26.92
N ILE A 113 -47.49 -5.91 26.37
CA ILE A 113 -48.45 -6.73 25.64
C ILE A 113 -49.43 -7.39 26.60
N ALA A 114 -48.98 -7.70 27.81
CA ALA A 114 -49.88 -8.33 28.79
C ALA A 114 -50.84 -7.32 29.41
N GLY A 115 -50.41 -6.07 29.55
CA GLY A 115 -51.20 -5.06 30.22
C GLY A 115 -50.90 -4.91 31.70
N PHE A 116 -50.16 -5.85 32.29
CA PHE A 116 -49.76 -5.77 33.69
C PHE A 116 -48.40 -6.43 33.83
N TRP A 117 -47.70 -6.09 34.91
CA TRP A 117 -46.36 -6.60 35.12
C TRP A 117 -46.44 -7.87 35.96
N PRO A 118 -46.16 -9.05 35.39
CA PRO A 118 -46.40 -10.30 36.12
C PRO A 118 -45.25 -10.73 37.02
N PHE A 119 -44.02 -10.30 36.70
CA PHE A 119 -42.86 -10.79 37.40
C PHE A 119 -42.89 -10.41 38.88
N GLY A 120 -43.34 -9.21 39.19
CA GLY A 120 -43.50 -8.78 40.58
C GLY A 120 -42.19 -8.30 41.18
N SER A 121 -41.58 -9.13 42.04
CA SER A 121 -40.40 -8.72 42.79
C SER A 121 -39.21 -8.41 41.89
N PHE A 122 -39.24 -8.87 40.63
CA PHE A 122 -38.18 -8.52 39.70
C PHE A 122 -38.16 -7.03 39.38
N CYS A 123 -39.27 -6.33 39.56
CA CYS A 123 -39.34 -4.91 39.23
C CYS A 123 -38.21 -4.13 39.88
N ASN A 124 -38.01 -4.32 41.19
CA ASN A 124 -36.97 -3.61 41.89
C ASN A 124 -35.61 -3.85 41.25
N ILE A 125 -35.34 -5.08 40.83
CA ILE A 125 -34.09 -5.36 40.13
C ILE A 125 -34.12 -4.74 38.73
N TRP A 126 -35.25 -4.88 38.03
CA TRP A 126 -35.30 -4.54 36.61
C TRP A 126 -34.93 -3.08 36.38
N VAL A 127 -35.53 -2.17 37.15
CA VAL A 127 -35.25 -0.75 37.00
C VAL A 127 -33.75 -0.51 37.14
N ALA A 128 -33.12 -1.16 38.12
CA ALA A 128 -31.68 -1.03 38.29
C ALA A 128 -30.95 -1.35 37.00
N PHE A 129 -31.26 -2.50 36.40
CA PHE A 129 -30.65 -2.85 35.13
C PHE A 129 -30.83 -1.74 34.11
N ASP A 130 -32.05 -1.21 34.00
CA ASP A 130 -32.28 -0.10 33.08
C ASP A 130 -31.35 1.05 33.38
N ILE A 131 -31.28 1.47 34.64
CA ILE A 131 -30.39 2.57 35.01
C ILE A 131 -28.96 2.20 34.68
N MET A 132 -28.60 0.93 34.88
CA MET A 132 -27.23 0.50 34.60
C MET A 132 -26.99 0.36 33.10
N CYS A 133 -28.03 0.07 32.32
CA CYS A 133 -27.82 -0.26 30.92
C CYS A 133 -27.89 0.98 30.03
N SER A 134 -29.03 1.67 30.06
CA SER A 134 -29.22 2.83 29.19
C SER A 134 -28.14 3.88 29.44
N THR A 135 -27.85 4.17 30.71
CA THR A 135 -26.78 5.10 31.02
C THR A 135 -25.45 4.61 30.46
N ALA A 136 -25.17 3.31 30.60
CA ALA A 136 -23.95 2.76 30.04
C ALA A 136 -23.87 3.01 28.54
N SER A 137 -25.01 3.13 27.87
CA SER A 137 -25.00 3.54 26.47
C SER A 137 -24.67 5.03 26.36
N ILE A 138 -25.43 5.87 27.06
CA ILE A 138 -25.32 7.31 26.86
C ILE A 138 -23.90 7.79 27.16
N LEU A 139 -23.36 7.37 28.30
CA LEU A 139 -21.99 7.76 28.65
C LEU A 139 -21.01 7.30 27.58
N ASN A 140 -21.22 6.10 27.03
CA ASN A 140 -20.36 5.64 25.94
C ASN A 140 -20.46 6.59 24.76
N LEU A 141 -21.69 6.99 24.40
CA LEU A 141 -21.86 7.94 23.32
C LEU A 141 -21.15 9.25 23.62
N CYS A 142 -21.00 9.59 24.90
CA CYS A 142 -20.17 10.73 25.26
C CYS A 142 -18.71 10.45 24.98
N VAL A 143 -18.20 9.31 25.47
CA VAL A 143 -16.77 9.05 25.41
C VAL A 143 -16.29 9.03 23.96
N ILE A 144 -17.04 8.33 23.10
CA ILE A 144 -16.68 8.28 21.68
C ILE A 144 -16.52 9.70 21.15
N SER A 145 -17.50 10.56 21.45
CA SER A 145 -17.41 11.94 20.99
C SER A 145 -16.11 12.57 21.45
N VAL A 146 -15.82 12.47 22.75
CA VAL A 146 -14.57 13.02 23.27
C VAL A 146 -13.39 12.43 22.51
N ASP A 147 -13.42 11.11 22.31
CA ASP A 147 -12.36 10.46 21.55
C ASP A 147 -12.18 11.13 20.21
N ARG A 148 -13.26 11.29 19.45
CA ARG A 148 -13.15 11.90 18.14
C ARG A 148 -12.56 13.29 18.24
N TYR A 149 -12.98 14.06 19.25
CA TYR A 149 -12.42 15.40 19.44
C TYR A 149 -10.91 15.33 19.57
N TRP A 150 -10.42 14.44 20.43
CA TRP A 150 -8.98 14.35 20.65
CA TRP A 150 -8.99 14.32 20.66
C TRP A 150 -8.25 13.88 19.40
N ALA A 151 -8.93 13.23 18.47
CA ALA A 151 -8.30 12.78 17.25
C ALA A 151 -8.43 13.79 16.11
N ILE A 152 -9.12 14.91 16.33
CA ILE A 152 -9.31 15.89 15.26
C ILE A 152 -8.77 17.24 15.72
N SER A 153 -8.59 17.40 17.03
CA SER A 153 -8.07 18.63 17.60
C SER A 153 -6.60 18.56 17.94
N SER A 154 -6.12 17.45 18.49
CA SER A 154 -4.72 17.27 18.86
C SER A 154 -4.24 15.93 18.33
N PRO A 155 -3.94 15.84 17.03
CA PRO A 155 -3.54 14.54 16.46
C PRO A 155 -2.30 13.95 17.11
N PHE A 156 -1.26 14.77 17.33
CA PHE A 156 -0.03 14.26 17.90
C PHE A 156 -0.23 13.82 19.34
N ARG A 157 -0.92 14.64 20.13
CA ARG A 157 -1.24 14.25 21.50
C ARG A 157 -2.11 13.02 21.55
N TYR A 158 -3.05 12.88 20.61
CA TYR A 158 -3.87 11.67 20.57
C TYR A 158 -3.04 10.44 20.27
N GLU A 159 -2.09 10.56 19.34
CA GLU A 159 -1.25 9.41 19.00
C GLU A 159 -0.28 9.08 20.12
N ARG A 160 0.13 10.06 20.92
CA ARG A 160 1.13 9.80 21.96
C ARG A 160 0.50 9.40 23.29
N LYS A 161 -0.32 10.28 23.86
CA LYS A 161 -0.78 10.15 25.23
C LYS A 161 -1.96 9.21 25.41
N MET A 162 -2.52 8.66 24.34
CA MET A 162 -3.66 7.76 24.45
C MET A 162 -3.22 6.36 24.03
N THR A 163 -2.72 5.61 25.00
CA THR A 163 -2.44 4.19 24.86
C THR A 163 -3.71 3.39 25.10
N PRO A 164 -3.72 2.10 24.77
CA PRO A 164 -4.89 1.29 25.13
C PRO A 164 -5.21 1.31 26.61
N LYS A 165 -4.22 1.56 27.47
CA LYS A 165 -4.49 1.68 28.90
C LYS A 165 -5.46 2.82 29.17
N ALA A 166 -5.26 3.97 28.52
CA ALA A 166 -6.17 5.09 28.71
C ALA A 166 -7.57 4.75 28.20
N ALA A 167 -7.66 3.98 27.12
CA ALA A 167 -8.96 3.53 26.65
C ALA A 167 -9.67 2.68 27.69
N PHE A 168 -8.93 1.76 28.33
CA PHE A 168 -9.53 0.95 29.38
C PHE A 168 -9.94 1.82 30.57
N ILE A 169 -9.14 2.85 30.89
CA ILE A 169 -9.52 3.76 31.97
C ILE A 169 -10.84 4.46 31.65
N LEU A 170 -10.97 4.96 30.42
CA LEU A 170 -12.21 5.66 30.04
C LEU A 170 -13.41 4.72 30.09
N ILE A 171 -13.26 3.52 29.53
CA ILE A 171 -14.37 2.56 29.53
C ILE A 171 -14.75 2.19 30.96
N SER A 172 -13.74 1.96 31.81
CA SER A 172 -13.99 1.61 33.20
C SER A 172 -14.69 2.74 33.94
N VAL A 173 -14.28 3.99 33.69
CA VAL A 173 -14.96 5.11 34.33
C VAL A 173 -16.41 5.17 33.90
N ALA A 174 -16.68 5.01 32.60
CA ALA A 174 -18.07 5.06 32.13
C ALA A 174 -18.92 3.97 32.79
N TRP A 175 -18.45 2.72 32.71
CA TRP A 175 -19.25 1.62 33.25
C TRP A 175 -19.36 1.68 34.77
N THR A 176 -18.29 2.10 35.46
CA THR A 176 -18.34 2.24 36.91
C THR A 176 -19.30 3.32 37.33
N LEU A 177 -19.31 4.46 36.62
CA LEU A 177 -20.29 5.50 36.92
C LEU A 177 -21.70 4.99 36.73
N SER A 178 -21.95 4.26 35.63
CA SER A 178 -23.29 3.74 35.40
C SER A 178 -23.71 2.78 36.51
N VAL A 179 -22.85 1.82 36.85
CA VAL A 179 -23.23 0.82 37.84
C VAL A 179 -23.38 1.45 39.22
N LEU A 180 -22.54 2.44 39.55
CA LEU A 180 -22.65 3.10 40.85
C LEU A 180 -23.91 3.92 40.95
N ILE A 181 -24.27 4.66 39.90
CA ILE A 181 -25.50 5.45 39.96
C ILE A 181 -26.73 4.56 39.85
N SER A 182 -26.58 3.32 39.38
CA SER A 182 -27.73 2.45 39.21
C SER A 182 -28.00 1.57 40.43
N PHE A 183 -27.06 0.69 40.77
CA PHE A 183 -27.36 -0.39 41.70
C PHE A 183 -27.50 0.12 43.14
N ILE A 184 -26.57 0.97 43.58
CA ILE A 184 -26.55 1.37 44.98
C ILE A 184 -27.79 2.18 45.35
N PRO A 185 -28.23 3.18 44.58
CA PRO A 185 -29.53 3.78 44.87
C PRO A 185 -30.68 2.79 44.93
N VAL A 186 -30.85 1.96 43.91
CA VAL A 186 -32.04 1.12 43.79
C VAL A 186 -32.09 0.09 44.91
N GLN A 187 -30.98 -0.58 45.18
CA GLN A 187 -30.96 -1.58 46.24
C GLN A 187 -31.21 -0.94 47.60
N LEU A 188 -30.91 0.34 47.74
CA LEU A 188 -31.17 1.08 48.97
C LEU A 188 -32.48 1.85 48.93
N SER A 189 -33.24 1.74 47.83
CA SER A 189 -34.60 2.28 47.73
C SER A 189 -34.61 3.81 47.84
N TRP A 190 -33.88 4.47 46.93
CA TRP A 190 -34.01 5.91 46.72
C TRP A 190 -34.71 6.26 45.42
N HIS A 191 -35.14 5.27 44.65
CA HIS A 191 -35.77 5.53 43.35
C HIS A 191 -37.28 5.62 43.44
N LYS A 192 -37.86 5.49 44.63
CA LYS A 192 -39.30 5.57 44.83
C LYS A 192 -39.64 6.69 45.79
N ALA A 193 -40.56 7.56 45.38
CA ALA A 193 -40.96 8.68 46.22
C ALA A 193 -41.73 8.18 47.45
N LYS A 194 -41.53 8.86 48.57
CA LYS A 194 -42.21 8.50 49.81
C LYS A 194 -43.57 9.18 49.91
N ASP A 211 -45.68 -3.22 42.23
CA ASP A 211 -46.78 -3.95 41.64
C ASP A 211 -46.52 -3.90 40.18
N ASN A 212 -47.43 -3.31 39.42
CA ASN A 212 -47.12 -3.14 38.00
C ASN A 212 -46.02 -2.08 37.99
N CYS A 213 -45.05 -2.20 37.12
CA CYS A 213 -43.98 -1.24 37.19
C CYS A 213 -44.33 0.02 36.48
N ASP A 214 -45.19 0.85 37.03
CA ASP A 214 -45.44 2.13 36.39
C ASP A 214 -44.97 3.26 37.21
N SER A 215 -44.28 2.98 38.28
CA SER A 215 -43.90 4.05 39.16
C SER A 215 -42.92 5.02 38.54
N SER A 216 -43.10 6.30 38.83
CA SER A 216 -42.17 7.30 38.35
C SER A 216 -41.14 7.47 39.41
N LEU A 217 -39.97 7.96 39.05
CA LEU A 217 -38.88 8.06 40.01
C LEU A 217 -38.99 9.18 41.04
N SER A 218 -38.25 9.09 42.13
CA SER A 218 -38.25 10.12 43.14
C SER A 218 -37.72 11.43 42.66
N ARG A 219 -38.35 12.52 43.04
CA ARG A 219 -37.95 13.82 42.55
C ARG A 219 -36.49 14.08 42.69
N THR A 220 -35.97 14.23 43.90
CA THR A 220 -34.55 14.57 43.95
C THR A 220 -33.71 13.61 43.12
N TYR A 221 -33.98 12.31 43.23
CA TYR A 221 -33.14 11.33 42.55
C TYR A 221 -33.32 11.39 41.05
N ALA A 222 -34.55 11.66 40.59
CA ALA A 222 -34.78 11.79 39.16
C ALA A 222 -33.94 12.90 38.57
N ILE A 223 -33.96 14.08 39.20
CA ILE A 223 -33.18 15.21 38.71
C ILE A 223 -31.69 14.91 38.77
N SER A 224 -31.23 14.35 39.90
CA SER A 224 -29.80 14.08 40.05
C SER A 224 -29.32 13.07 39.01
N SER A 225 -30.06 11.98 38.84
CA SER A 225 -29.69 10.96 37.86
C SER A 225 -29.76 11.50 36.45
N SER A 226 -30.75 12.33 36.15
CA SER A 226 -30.84 12.93 34.81
C SER A 226 -29.61 13.80 34.53
N VAL A 227 -29.23 14.64 35.50
CA VAL A 227 -28.07 15.50 35.30
C VAL A 227 -26.81 14.66 35.12
N ILE A 228 -26.65 13.62 35.93
CA ILE A 228 -25.44 12.80 35.84
C ILE A 228 -25.41 12.01 34.53
N SER A 229 -26.55 11.54 34.04
CA SER A 229 -26.58 10.53 32.99
C SER A 229 -26.86 11.07 31.60
N PHE A 230 -27.56 12.19 31.45
CA PHE A 230 -27.86 12.67 30.11
C PHE A 230 -27.47 14.12 29.91
N TYR A 231 -27.64 14.96 30.94
CA TYR A 231 -27.48 16.39 30.76
C TYR A 231 -26.01 16.80 30.67
N ILE A 232 -25.11 16.13 31.38
CA ILE A 232 -23.69 16.39 31.24
C ILE A 232 -23.16 15.71 29.98
N PRO A 233 -23.51 14.44 29.71
CA PRO A 233 -23.09 13.85 28.42
C PRO A 233 -23.55 14.63 27.21
N VAL A 234 -24.78 15.16 27.21
CA VAL A 234 -25.25 15.86 26.02
C VAL A 234 -24.52 17.19 25.86
N ALA A 235 -24.21 17.87 26.97
CA ALA A 235 -23.44 19.10 26.88
C ALA A 235 -22.04 18.84 26.34
N ILE A 236 -21.39 17.79 26.86
CA ILE A 236 -20.05 17.45 26.39
C ILE A 236 -20.09 17.09 24.91
N MET A 237 -21.08 16.30 24.50
CA MET A 237 -21.19 15.91 23.10
C MET A 237 -21.43 17.11 22.19
N ILE A 238 -22.29 18.05 22.62
CA ILE A 238 -22.58 19.21 21.80
C ILE A 238 -21.35 20.08 21.65
N VAL A 239 -20.63 20.34 22.75
CA VAL A 239 -19.41 21.13 22.66
C VAL A 239 -18.39 20.45 21.75
N THR A 240 -18.20 19.15 21.94
CA THR A 240 -17.24 18.41 21.14
C THR A 240 -17.56 18.48 19.66
N TYR A 241 -18.83 18.21 19.30
CA TYR A 241 -19.16 18.16 17.89
C TYR A 241 -19.22 19.53 17.25
N THR A 242 -19.54 20.58 18.02
CA THR A 242 -19.49 21.91 17.42
C THR A 242 -18.05 22.36 17.18
N ARG A 243 -17.12 21.99 18.07
CA ARG A 243 -15.72 22.29 17.80
C ARG A 243 -15.20 21.49 16.60
N ILE A 244 -15.62 20.23 16.49
CA ILE A 244 -15.26 19.43 15.32
C ILE A 244 -15.82 20.06 14.05
N TYR A 245 -17.04 20.60 14.12
CA TYR A 245 -17.62 21.27 12.97
C TYR A 245 -16.82 22.51 12.58
N ARG A 246 -16.37 23.29 13.58
CA ARG A 246 -15.54 24.46 13.27
C ARG A 246 -14.25 24.04 12.56
N ILE A 247 -13.60 22.99 13.06
CA ILE A 247 -12.36 22.53 12.44
C ILE A 247 -12.62 22.06 11.02
N ALA A 248 -13.71 21.32 10.81
CA ALA A 248 -14.04 20.83 9.48
C ALA A 248 -14.33 21.98 8.53
N GLN A 249 -15.02 23.02 9.01
CA GLN A 249 -15.28 24.18 8.17
C GLN A 249 -13.98 24.86 7.75
N LYS A 250 -13.04 25.02 8.68
CA LYS A 250 -11.77 25.65 8.34
C LYS A 250 -11.03 24.84 7.27
N GLN A 251 -10.92 23.52 7.49
CA GLN A 251 -10.21 22.69 6.54
C GLN A 251 -10.89 22.69 5.17
N ILE A 252 -12.22 22.65 5.16
CA ILE A 252 -12.95 22.64 3.90
C ILE A 252 -12.74 23.94 3.14
N ARG A 253 -12.76 25.08 3.85
CA ARG A 253 -12.58 26.34 3.14
C ARG A 253 -11.16 26.47 2.59
N ARG A 254 -10.16 25.95 3.33
CA ARG A 254 -8.81 25.96 2.78
C ARG A 254 -8.69 25.08 1.54
N ILE A 255 -9.25 23.87 1.60
CA ILE A 255 -9.22 22.97 0.46
C ILE A 255 -9.95 23.57 -0.73
N ALA A 256 -11.09 24.21 -0.47
CA ALA A 256 -11.86 24.84 -1.54
C ALA A 256 -11.10 25.99 -2.16
N ALA A 257 -10.38 26.77 -1.35
CA ALA A 257 -9.56 27.84 -1.91
C ALA A 257 -8.50 27.28 -2.84
N LEU A 258 -7.80 26.23 -2.42
CA LEU A 258 -6.77 25.64 -3.28
C LEU A 258 -7.38 25.06 -4.55
N GLU A 259 -8.49 24.36 -4.43
CA GLU A 259 -9.12 23.75 -5.61
C GLU A 259 -9.66 24.80 -6.56
N ARG A 260 -10.21 25.90 -6.03
CA ARG A 260 -10.69 26.98 -6.87
C ARG A 260 -9.54 27.64 -7.61
N ALA A 261 -8.40 27.85 -6.93
CA ALA A 261 -7.24 28.39 -7.62
C ALA A 261 -6.79 27.46 -8.74
N ALA A 262 -6.76 26.15 -8.47
CA ALA A 262 -6.34 25.19 -9.48
C ALA A 262 -7.29 25.20 -10.68
N VAL A 263 -8.59 25.24 -10.42
CA VAL A 263 -9.57 25.24 -11.50
C VAL A 263 -9.47 26.53 -12.31
N HIS A 264 -9.36 27.68 -11.64
CA HIS A 264 -9.25 28.94 -12.35
C HIS A 264 -7.98 28.99 -13.20
N ALA A 265 -6.91 28.34 -12.73
CA ALA A 265 -5.69 28.24 -13.52
C ALA A 265 -5.93 27.46 -14.82
N PHE A 291 -18.98 23.83 -1.13
CA PHE A 291 -20.28 23.82 -0.47
C PHE A 291 -20.78 22.39 -0.25
N LYS A 292 -20.46 21.51 -1.20
CA LYS A 292 -20.87 20.12 -1.06
C LYS A 292 -20.21 19.46 0.15
N ARG A 293 -18.91 19.75 0.36
CA ARG A 293 -18.21 19.16 1.49
C ARG A 293 -18.77 19.66 2.82
N GLU A 294 -19.04 20.96 2.93
CA GLU A 294 -19.62 21.47 4.17
C GLU A 294 -21.04 20.94 4.37
N THR A 295 -21.79 20.74 3.27
CA THR A 295 -23.10 20.14 3.39
C THR A 295 -23.00 18.71 3.92
N LYS A 296 -22.04 17.94 3.43
CA LYS A 296 -21.86 16.58 3.92
C LYS A 296 -21.46 16.57 5.39
N VAL A 297 -20.56 17.48 5.79
CA VAL A 297 -20.18 17.59 7.20
C VAL A 297 -21.40 17.89 8.06
N LEU A 298 -22.19 18.86 7.63
CA LEU A 298 -23.35 19.26 8.43
C LEU A 298 -24.35 18.12 8.50
N LYS A 299 -24.57 17.41 7.39
CA LYS A 299 -25.51 16.30 7.40
C LYS A 299 -25.06 15.19 8.35
N THR A 300 -23.78 14.81 8.29
CA THR A 300 -23.29 13.75 9.16
C THR A 300 -23.39 14.16 10.63
N LEU A 301 -22.96 15.38 10.95
CA LEU A 301 -23.01 15.83 12.33
C LEU A 301 -24.45 15.97 12.82
N SER A 302 -25.35 16.44 11.95
CA SER A 302 -26.75 16.56 12.33
C SER A 302 -27.37 15.19 12.59
N VAL A 303 -27.07 14.20 11.75
CA VAL A 303 -27.56 12.85 12.01
C VAL A 303 -27.06 12.35 13.36
N ILE A 304 -25.75 12.48 13.59
CA ILE A 304 -25.16 11.93 14.82
C ILE A 304 -25.73 12.62 16.05
N MET A 305 -25.88 13.93 16.01
CA MET A 305 -26.36 14.70 17.16
C MET A 305 -27.89 14.80 17.21
N GLY A 306 -28.59 14.32 16.20
CA GLY A 306 -30.03 14.42 16.25
C GLY A 306 -30.72 13.10 16.53
N VAL A 307 -30.19 11.99 16.04
CA VAL A 307 -30.80 10.70 16.39
C VAL A 307 -30.82 10.53 17.90
N PHE A 308 -29.65 10.73 18.53
CA PHE A 308 -29.54 10.55 19.97
C PHE A 308 -30.45 11.52 20.72
N VAL A 309 -30.47 12.79 20.31
CA VAL A 309 -31.27 13.78 21.03
C VAL A 309 -32.76 13.49 20.86
N CYS A 310 -33.23 13.33 19.62
CA CYS A 310 -34.64 13.08 19.38
C CYS A 310 -35.09 11.79 20.04
N CYS A 311 -34.18 10.84 20.28
CA CYS A 311 -34.60 9.63 20.94
C CYS A 311 -34.62 9.77 22.47
N TRP A 312 -33.62 10.45 23.05
CA TRP A 312 -33.50 10.48 24.50
C TRP A 312 -34.17 11.69 25.16
N LEU A 313 -33.97 12.90 24.62
CA LEU A 313 -34.36 14.12 25.31
C LEU A 313 -35.83 14.18 25.73
N PRO A 314 -36.81 13.79 24.90
CA PRO A 314 -38.19 13.77 25.40
C PRO A 314 -38.36 12.92 26.64
N PHE A 315 -37.73 11.75 26.66
CA PHE A 315 -37.82 10.89 27.83
C PHE A 315 -37.25 11.58 29.06
N PHE A 316 -36.12 12.27 28.91
CA PHE A 316 -35.51 12.87 30.09
C PHE A 316 -36.25 14.11 30.56
N ILE A 317 -36.82 14.90 29.66
CA ILE A 317 -37.62 16.03 30.14
C ILE A 317 -38.87 15.51 30.85
N LEU A 318 -39.48 14.43 30.34
CA LEU A 318 -40.59 13.84 31.07
C LEU A 318 -40.16 13.30 32.43
N ASN A 319 -39.01 12.63 32.47
CA ASN A 319 -38.49 12.09 33.73
C ASN A 319 -38.17 13.18 34.74
N CYS A 320 -37.81 14.37 34.27
CA CYS A 320 -37.61 15.50 35.15
C CYS A 320 -38.92 16.17 35.57
N ILE A 321 -39.92 16.18 34.70
CA ILE A 321 -41.14 16.94 34.97
C ILE A 321 -42.11 16.13 35.82
N LEU A 322 -42.41 14.89 35.41
CA LEU A 322 -43.49 14.13 36.03
C LEU A 322 -43.33 13.96 37.55
N PRO A 323 -42.19 13.53 38.09
CA PRO A 323 -42.08 13.47 39.56
C PRO A 323 -42.21 14.82 40.23
N PHE A 324 -41.75 15.89 39.58
CA PHE A 324 -41.84 17.22 40.19
C PHE A 324 -43.28 17.67 40.32
N CYS A 325 -44.06 17.59 39.24
CA CYS A 325 -45.48 17.93 39.25
C CYS A 325 -46.24 16.82 38.52
N GLY A 326 -46.56 15.75 39.24
CA GLY A 326 -47.39 14.69 38.71
C GLY A 326 -48.81 14.69 39.26
N PHE A 333 -50.96 19.22 31.24
CA PHE A 333 -49.99 19.43 32.30
C PHE A 333 -49.20 18.17 32.59
N CYS A 334 -49.91 17.07 32.83
CA CYS A 334 -49.30 15.79 33.16
C CYS A 334 -49.41 14.84 31.99
N ILE A 335 -48.30 14.20 31.65
CA ILE A 335 -48.24 13.29 30.51
C ILE A 335 -48.80 11.94 30.91
N ASP A 336 -49.53 11.30 30.00
CA ASP A 336 -50.12 10.00 30.26
C ASP A 336 -49.06 8.91 30.29
N SER A 337 -49.40 7.81 30.97
CA SER A 337 -48.46 6.69 31.09
C SER A 337 -48.16 6.06 29.75
N ASN A 338 -49.14 6.00 28.84
CA ASN A 338 -48.89 5.41 27.52
C ASN A 338 -47.90 6.25 26.73
N THR A 339 -48.04 7.57 26.76
CA THR A 339 -47.08 8.45 26.11
C THR A 339 -45.70 8.33 26.75
N PHE A 340 -45.66 8.25 28.09
CA PHE A 340 -44.37 8.06 28.76
C PHE A 340 -43.72 6.75 28.32
N ASP A 341 -44.52 5.68 28.20
CA ASP A 341 -43.98 4.40 27.78
C ASP A 341 -43.46 4.44 26.34
N VAL A 342 -44.18 5.11 25.44
CA VAL A 342 -43.70 5.15 24.06
C VAL A 342 -42.44 6.00 23.95
N PHE A 343 -42.32 7.04 24.80
CA PHE A 343 -41.08 7.80 24.83
C PHE A 343 -39.92 6.95 25.37
N VAL A 344 -40.19 6.13 26.39
CA VAL A 344 -39.19 5.19 26.88
C VAL A 344 -38.77 4.23 25.77
N TRP A 345 -39.74 3.78 24.99
CA TRP A 345 -39.43 2.84 23.90
C TRP A 345 -38.59 3.51 22.82
N PHE A 346 -38.83 4.80 22.54
CA PHE A 346 -37.97 5.52 21.61
C PHE A 346 -36.55 5.65 22.16
N GLY A 347 -36.44 6.01 23.44
CA GLY A 347 -35.16 6.10 24.10
C GLY A 347 -34.40 4.80 24.19
N TRP A 348 -35.10 3.68 24.08
CA TRP A 348 -34.46 2.37 23.94
C TRP A 348 -34.16 1.97 22.52
N ALA A 349 -35.03 2.31 21.56
CA ALA A 349 -34.79 1.99 20.15
C ALA A 349 -33.62 2.78 19.59
N ASN A 350 -33.23 3.86 20.26
CA ASN A 350 -31.97 4.48 19.86
C ASN A 350 -30.80 3.50 19.99
N SER A 351 -30.91 2.52 20.88
CA SER A 351 -29.89 1.47 20.95
C SER A 351 -29.89 0.62 19.68
N SER A 352 -31.06 0.34 19.11
CA SER A 352 -31.10 -0.32 17.82
C SER A 352 -30.45 0.55 16.75
N LEU A 353 -30.73 1.85 16.78
CA LEU A 353 -30.23 2.76 15.77
C LEU A 353 -28.73 3.01 15.87
N ASN A 354 -28.15 2.88 17.07
CA ASN A 354 -26.73 3.21 17.26
C ASN A 354 -25.77 2.49 16.33
N PRO A 355 -25.88 1.17 16.10
CA PRO A 355 -24.95 0.54 15.16
C PRO A 355 -24.95 1.18 13.78
N ILE A 356 -26.13 1.59 13.28
CA ILE A 356 -26.20 2.21 11.96
C ILE A 356 -25.29 3.44 11.90
N ILE A 357 -25.30 4.25 12.95
CA ILE A 357 -24.47 5.45 12.97
C ILE A 357 -23.01 5.11 13.17
N TYR A 358 -22.71 4.18 14.08
CA TYR A 358 -21.38 4.09 14.66
C TYR A 358 -20.54 2.89 14.20
N ALA A 359 -21.09 1.96 13.43
CA ALA A 359 -20.33 0.75 13.10
C ALA A 359 -20.51 0.36 11.64
N PHE A 360 -20.51 1.35 10.74
CA PHE A 360 -20.48 1.12 9.30
C PHE A 360 -19.41 1.96 8.63
N ASN A 361 -18.18 1.86 9.12
CA ASN A 361 -17.04 2.23 8.31
C ASN A 361 -16.86 1.19 7.21
N ALA A 362 -15.89 1.43 6.32
CA ALA A 362 -15.67 0.50 5.22
C ALA A 362 -15.28 -0.88 5.72
N ASP A 363 -14.40 -0.94 6.72
CA ASP A 363 -13.96 -2.22 7.26
C ASP A 363 -15.11 -2.95 7.95
N PHE A 364 -15.94 -2.22 8.71
CA PHE A 364 -17.08 -2.86 9.37
C PHE A 364 -18.08 -3.38 8.35
N ARG A 365 -18.34 -2.62 7.29
CA ARG A 365 -19.25 -3.08 6.25
C ARG A 365 -18.70 -4.31 5.55
N LYS A 366 -17.39 -4.33 5.29
CA LYS A 366 -16.77 -5.50 4.65
C LYS A 366 -16.88 -6.72 5.56
N ALA A 367 -16.65 -6.55 6.87
CA ALA A 367 -16.77 -7.67 7.79
C ALA A 367 -18.20 -8.18 7.85
N PHE A 368 -19.18 -7.27 7.87
CA PHE A 368 -20.57 -7.70 7.86
C PHE A 368 -20.91 -8.46 6.59
N SER A 369 -20.42 -8.00 5.45
CA SER A 369 -20.63 -8.71 4.19
C SER A 369 -20.00 -10.09 4.22
N THR A 370 -18.79 -10.19 4.78
CA THR A 370 -18.12 -11.48 4.88
C THR A 370 -18.90 -12.46 5.74
N LEU A 371 -19.39 -12.00 6.89
CA LEU A 371 -20.20 -12.88 7.74
C LEU A 371 -21.50 -13.28 7.07
N LEU A 372 -22.19 -12.33 6.44
CA LEU A 372 -23.53 -12.63 5.91
C LEU A 372 -23.45 -13.49 4.65
N GLY A 373 -22.44 -13.28 3.82
CA GLY A 373 -22.30 -14.04 2.60
C GLY A 373 -22.02 -13.18 1.38
N GLN B 7 11.16 -32.05 27.60
CA GLN B 7 10.93 -31.31 26.36
C GLN B 7 9.85 -30.26 26.54
N ARG B 8 8.99 -30.48 27.54
CA ARG B 8 8.05 -29.43 27.96
C ARG B 8 8.78 -28.25 28.58
N ASN B 9 9.91 -28.49 29.24
CA ASN B 9 10.72 -27.37 29.69
C ASN B 9 11.18 -26.52 28.52
N GLU B 10 11.54 -27.15 27.40
CA GLU B 10 11.95 -26.35 26.25
C GLU B 10 10.76 -25.55 25.70
N GLU B 11 9.54 -26.05 25.90
CA GLU B 11 8.35 -25.28 25.56
C GLU B 11 8.17 -24.09 26.47
N LYS B 12 8.54 -24.22 27.75
CA LYS B 12 8.39 -23.08 28.63
C LYS B 12 9.51 -22.07 28.38
N ALA B 13 10.67 -22.55 27.93
CA ALA B 13 11.74 -21.62 27.63
C ALA B 13 11.42 -20.86 26.36
N GLN B 14 10.77 -21.54 25.40
CA GLN B 14 10.37 -20.84 24.20
C GLN B 14 9.26 -19.85 24.51
N ARG B 15 8.40 -20.18 25.48
CA ARG B 15 7.30 -19.30 25.80
C ARG B 15 7.79 -18.04 26.51
N GLU B 16 8.79 -18.17 27.37
CA GLU B 16 9.29 -16.96 28.04
C GLU B 16 10.25 -16.17 27.15
N ALA B 17 10.92 -16.83 26.20
CA ALA B 17 11.63 -16.10 25.16
C ALA B 17 10.67 -15.32 24.28
N ASN B 18 9.53 -15.92 23.94
CA ASN B 18 8.50 -15.19 23.22
C ASN B 18 7.93 -14.06 24.06
N LYS B 19 7.84 -14.23 25.38
CA LYS B 19 7.30 -13.13 26.19
C LYS B 19 8.26 -11.95 26.20
N LYS B 20 9.56 -12.23 26.37
CA LYS B 20 10.54 -11.14 26.34
C LYS B 20 10.58 -10.48 24.97
N ILE B 21 10.27 -11.26 23.92
CA ILE B 21 10.30 -10.69 22.59
C ILE B 21 9.12 -9.76 22.41
N GLU B 22 7.92 -10.24 22.75
CA GLU B 22 6.73 -9.44 22.49
C GLU B 22 6.75 -8.17 23.32
N LYS B 23 7.34 -8.20 24.52
CA LYS B 23 7.38 -6.96 25.28
C LYS B 23 8.49 -6.01 24.80
N GLN B 24 9.55 -6.53 24.19
CA GLN B 24 10.45 -5.63 23.47
C GLN B 24 9.76 -5.05 22.24
N LEU B 25 9.00 -5.86 21.52
CA LEU B 25 8.26 -5.36 20.39
C LEU B 25 7.17 -4.39 20.81
N GLN B 26 6.68 -4.49 22.04
CA GLN B 26 5.68 -3.53 22.52
C GLN B 26 6.32 -2.18 22.78
N LYS B 27 7.55 -2.18 23.33
CA LYS B 27 8.23 -0.90 23.49
C LYS B 27 8.62 -0.33 22.13
N ASP B 28 8.99 -1.20 21.19
CA ASP B 28 9.33 -0.73 19.85
C ASP B 28 8.07 -0.19 19.16
N LYS B 29 6.92 -0.82 19.41
CA LYS B 29 5.68 -0.33 18.83
C LYS B 29 5.37 1.06 19.35
N GLN B 30 5.56 1.27 20.65
CA GLN B 30 5.27 2.59 21.20
C GLN B 30 6.21 3.66 20.64
N VAL B 31 7.48 3.32 20.43
CA VAL B 31 8.41 4.30 19.85
C VAL B 31 8.06 4.58 18.38
N TYR B 32 7.90 3.51 17.59
CA TYR B 32 7.55 3.63 16.17
C TYR B 32 6.21 4.33 15.92
N ARG B 33 5.23 4.15 16.80
CA ARG B 33 3.94 4.80 16.54
C ARG B 33 4.01 6.31 16.63
N ALA B 34 4.95 6.86 17.41
CA ALA B 34 5.00 8.29 17.61
C ALA B 34 6.08 8.95 16.77
N THR B 35 6.76 8.20 15.91
CA THR B 35 7.83 8.70 15.08
C THR B 35 7.23 9.01 13.71
N HIS B 36 7.43 10.23 13.22
CA HIS B 36 6.93 10.65 11.90
C HIS B 36 7.94 10.47 10.77
N ARG B 37 7.75 9.42 9.96
CA ARG B 37 8.62 9.18 8.82
C ARG B 37 8.28 10.15 7.70
N LEU B 38 9.31 10.80 7.16
CA LEU B 38 9.16 11.80 6.09
C LEU B 38 10.07 11.45 4.93
N LEU B 39 9.53 11.26 3.73
CA LEU B 39 10.42 10.94 2.62
C LEU B 39 10.66 12.24 1.85
N LEU B 40 11.92 12.56 1.60
CA LEU B 40 12.32 13.74 0.84
C LEU B 40 12.63 13.33 -0.59
N LEU B 41 11.97 13.97 -1.55
CA LEU B 41 12.25 13.69 -2.96
C LEU B 41 12.43 14.99 -3.73
N GLY B 42 13.05 14.88 -4.89
CA GLY B 42 13.32 16.01 -5.75
C GLY B 42 14.62 15.85 -6.49
N ALA B 43 14.75 16.63 -7.57
CA ALA B 43 15.94 16.61 -8.41
C ALA B 43 17.17 17.12 -7.66
N ASP B 44 18.33 16.92 -8.27
CA ASP B 44 19.58 17.47 -7.79
C ASP B 44 19.74 18.92 -8.26
N ASN B 45 20.69 19.62 -7.63
CA ASN B 45 20.91 21.05 -7.89
C ASN B 45 19.61 21.83 -7.74
N SER B 46 18.86 21.50 -6.68
CA SER B 46 17.55 22.11 -6.48
C SER B 46 17.48 22.86 -5.16
N GLY B 47 18.26 22.43 -4.19
CA GLY B 47 18.35 23.10 -2.91
C GLY B 47 18.01 22.07 -1.86
N LYS B 48 18.14 20.81 -2.28
CA LYS B 48 17.81 19.69 -1.40
C LYS B 48 18.73 19.65 -0.19
N SER B 49 20.04 19.69 -0.43
CA SER B 49 20.99 19.60 0.68
C SER B 49 20.89 20.82 1.60
N THR B 50 20.54 21.99 1.06
CA THR B 50 20.40 23.17 1.91
C THR B 50 19.23 23.07 2.87
N ILE B 51 18.15 22.37 2.50
CA ILE B 51 17.03 22.25 3.43
C ILE B 51 17.47 21.44 4.65
N VAL B 52 18.21 20.36 4.42
CA VAL B 52 18.69 19.56 5.54
C VAL B 52 19.71 20.35 6.34
N LYS B 53 20.56 21.13 5.65
CA LYS B 53 21.51 21.99 6.35
C LYS B 53 20.79 22.95 7.29
N GLN B 54 19.67 23.52 6.82
CA GLN B 54 18.90 24.43 7.65
C GLN B 54 18.31 23.70 8.84
N MET B 55 17.85 22.46 8.64
CA MET B 55 17.25 21.73 9.75
C MET B 55 18.28 21.40 10.83
N ARG B 56 19.51 21.09 10.42
CA ARG B 56 20.62 20.82 11.34
C ARG B 56 20.39 19.51 12.07
N GLY B 70 22.59 15.52 1.48
CA GLY B 70 23.96 15.11 1.70
C GLY B 70 24.07 13.81 2.49
N ILE B 71 23.34 13.73 3.58
CA ILE B 71 23.26 12.52 4.39
C ILE B 71 21.94 11.83 4.13
N PHE B 72 21.95 10.50 4.16
CA PHE B 72 20.74 9.73 3.90
C PHE B 72 19.66 10.04 4.92
N GLU B 73 20.03 10.45 6.12
CA GLU B 73 19.12 10.53 7.25
C GLU B 73 18.95 11.97 7.71
N THR B 74 17.87 12.21 8.45
CA THR B 74 17.71 13.47 9.18
C THR B 74 16.77 13.17 10.33
N LYS B 75 17.08 13.72 11.50
CA LYS B 75 16.26 13.59 12.70
C LYS B 75 15.97 14.95 13.31
N PHE B 76 14.70 15.33 13.40
CA PHE B 76 14.46 16.66 13.97
C PHE B 76 13.17 16.62 14.77
N GLN B 77 13.06 17.52 15.74
CA GLN B 77 11.89 17.61 16.60
C GLN B 77 11.20 18.97 16.48
N VAL B 78 9.89 18.94 16.32
CA VAL B 78 9.08 20.16 16.39
C VAL B 78 8.04 19.93 17.48
N ASP B 79 8.03 20.81 18.48
CA ASP B 79 7.04 20.77 19.57
C ASP B 79 6.87 19.37 20.16
N LYS B 80 7.98 18.76 20.57
CA LYS B 80 7.99 17.43 21.18
C LYS B 80 7.48 16.33 20.25
N VAL B 81 7.54 16.55 18.95
CA VAL B 81 7.13 15.58 17.94
C VAL B 81 8.33 15.28 17.06
N ASN B 82 8.76 14.02 17.03
CA ASN B 82 9.96 13.64 16.30
C ASN B 82 9.64 13.25 14.87
N PHE B 83 10.56 13.61 13.97
CA PHE B 83 10.48 13.25 12.56
C PHE B 83 11.83 12.71 12.12
N HIS B 84 11.78 11.84 11.12
CA HIS B 84 12.98 11.28 10.49
C HIS B 84 12.72 11.28 8.99
N MET B 85 13.41 12.20 8.33
CA MET B 85 13.32 12.49 6.90
C MET B 85 14.49 11.87 6.16
N PHE B 86 14.19 11.14 5.07
CA PHE B 86 15.24 10.46 4.33
C PHE B 86 15.19 10.75 2.84
N ASP B 87 16.37 11.02 2.29
CA ASP B 87 16.61 11.22 0.86
C ASP B 87 17.56 10.10 0.42
N VAL B 88 17.25 9.44 -0.69
CA VAL B 88 18.12 8.35 -1.12
C VAL B 88 19.20 8.94 -2.02
N GLY B 89 20.46 8.62 -1.72
CA GLY B 89 21.59 9.20 -2.42
C GLY B 89 22.40 8.35 -3.37
N GLY B 90 22.70 7.11 -2.96
CA GLY B 90 23.37 6.18 -3.85
C GLY B 90 22.45 5.35 -4.71
N GLN B 91 21.19 5.75 -4.84
CA GLN B 91 20.34 5.09 -5.82
C GLN B 91 20.69 5.54 -7.23
N ARG B 92 20.20 4.79 -8.20
CA ARG B 92 20.27 5.19 -9.60
C ARG B 92 19.19 6.23 -9.85
N ASP B 93 18.79 6.42 -11.12
CA ASP B 93 17.77 7.42 -11.39
C ASP B 93 16.43 6.77 -11.70
N GLU B 94 16.41 5.44 -11.83
CA GLU B 94 15.15 4.74 -12.02
C GLU B 94 14.52 4.57 -10.64
N ARG B 95 13.75 5.58 -10.23
CA ARG B 95 13.02 5.58 -8.97
C ARG B 95 11.71 4.82 -9.07
N ARG B 96 11.60 3.88 -10.00
CA ARG B 96 10.33 3.17 -10.14
C ARG B 96 10.11 2.11 -9.07
N LYS B 97 10.86 1.01 -9.11
CA LYS B 97 10.62 -0.01 -8.09
C LYS B 97 10.95 0.41 -6.67
N TRP B 98 11.95 1.26 -6.42
CA TRP B 98 12.11 1.55 -5.00
C TRP B 98 11.10 2.55 -4.46
N ILE B 99 10.23 3.11 -5.30
CA ILE B 99 9.28 4.11 -4.79
C ILE B 99 8.31 3.43 -3.85
N GLN B 100 7.98 2.17 -4.15
CA GLN B 100 7.06 1.38 -3.36
C GLN B 100 7.60 1.08 -1.98
N CYS B 101 8.82 1.49 -1.69
CA CYS B 101 9.32 1.39 -0.33
C CYS B 101 8.80 2.50 0.57
N PHE B 102 8.00 3.42 0.03
CA PHE B 102 7.54 4.57 0.79
C PHE B 102 6.02 4.76 0.66
N ASN B 103 5.26 3.66 0.56
CA ASN B 103 3.81 3.80 0.46
C ASN B 103 3.16 4.14 1.80
N ASP B 104 3.88 3.99 2.91
CA ASP B 104 3.29 4.24 4.24
C ASP B 104 3.90 5.44 4.94
N VAL B 105 4.70 6.25 4.24
CA VAL B 105 5.34 7.41 4.84
C VAL B 105 4.26 8.43 5.18
N THR B 106 4.55 9.27 6.18
CA THR B 106 3.57 10.27 6.58
C THR B 106 3.38 11.30 5.49
N ALA B 107 4.47 11.74 4.86
CA ALA B 107 4.39 12.74 3.80
C ALA B 107 5.66 12.68 2.97
N ILE B 108 5.53 13.14 1.73
CA ILE B 108 6.63 13.29 0.80
C ILE B 108 6.88 14.78 0.66
N ILE B 109 8.13 15.19 0.85
CA ILE B 109 8.52 16.59 0.65
C ILE B 109 9.18 16.69 -0.71
N PHE B 110 8.43 17.18 -1.68
CA PHE B 110 8.91 17.32 -3.05
C PHE B 110 9.54 18.69 -3.24
N VAL B 111 10.82 18.72 -3.60
CA VAL B 111 11.55 19.96 -3.75
C VAL B 111 11.72 20.28 -5.23
N VAL B 112 11.45 21.53 -5.62
CA VAL B 112 11.50 21.92 -7.02
C VAL B 112 12.28 23.24 -7.15
N ASP B 113 12.73 23.51 -8.37
CA ASP B 113 13.36 24.79 -8.73
C ASP B 113 12.35 25.67 -9.45
N SER B 114 11.95 26.76 -8.80
CA SER B 114 11.19 27.80 -9.48
C SER B 114 12.06 28.67 -10.38
N SER B 115 13.37 28.58 -10.25
CA SER B 115 14.30 29.41 -11.02
C SER B 115 14.80 28.74 -12.29
N ASP B 116 15.00 27.43 -12.28
CA ASP B 116 15.56 26.74 -13.45
C ASP B 116 14.42 26.35 -14.38
N TYR B 117 13.98 27.31 -15.22
CA TYR B 117 12.75 27.13 -15.97
C TYR B 117 12.81 25.97 -16.96
N ASN B 118 14.02 25.49 -17.29
CA ASN B 118 14.12 24.41 -18.27
C ASN B 118 13.70 23.08 -17.66
N ARG B 119 13.83 22.94 -16.35
CA ARG B 119 13.59 21.67 -15.67
C ARG B 119 12.25 21.62 -14.94
N LEU B 120 11.36 22.58 -15.19
CA LEU B 120 10.05 22.54 -14.54
C LEU B 120 9.15 21.46 -15.13
N GLN B 121 9.24 21.20 -16.43
CA GLN B 121 8.46 20.10 -16.96
C GLN B 121 8.90 18.78 -16.39
N GLU B 122 10.19 18.62 -16.10
CA GLU B 122 10.65 17.38 -15.47
C GLU B 122 10.03 17.23 -14.09
N ALA B 123 9.96 18.34 -13.33
CA ALA B 123 9.35 18.31 -12.00
C ALA B 123 7.87 18.01 -12.09
N LEU B 124 7.18 18.56 -13.10
CA LEU B 124 5.76 18.26 -13.29
C LEU B 124 5.54 16.81 -13.64
N ASN B 125 6.38 16.25 -14.51
CA ASN B 125 6.23 14.84 -14.86
C ASN B 125 6.49 13.94 -13.66
N LEU B 126 7.51 14.25 -12.86
CA LEU B 126 7.76 13.44 -11.67
C LEU B 126 6.63 13.60 -10.66
N PHE B 127 6.08 14.80 -10.53
CA PHE B 127 4.96 15.00 -9.62
C PHE B 127 3.73 14.25 -10.10
N LYS B 128 3.53 14.20 -11.41
CA LYS B 128 2.38 13.50 -11.97
C LYS B 128 2.52 12.00 -11.76
N SER B 129 3.73 11.47 -11.93
CA SER B 129 3.95 10.05 -11.74
C SER B 129 3.84 9.66 -10.27
N ILE B 130 4.20 10.58 -9.37
CA ILE B 130 4.06 10.28 -7.94
C ILE B 130 2.60 10.38 -7.53
N TRP B 131 1.89 11.42 -8.01
CA TRP B 131 0.51 11.64 -7.62
C TRP B 131 -0.43 10.56 -8.14
N ASN B 132 -0.17 10.01 -9.33
CA ASN B 132 -1.03 8.95 -9.85
C ASN B 132 -0.46 7.57 -9.64
N ASN B 133 0.51 7.40 -8.74
CA ASN B 133 1.10 6.10 -8.56
C ASN B 133 0.08 5.17 -7.93
N ARG B 134 0.05 3.91 -8.36
CA ARG B 134 -0.95 3.02 -7.79
C ARG B 134 -0.71 2.78 -6.31
N TRP B 135 0.55 2.91 -5.86
CA TRP B 135 0.90 2.60 -4.49
C TRP B 135 1.10 3.83 -3.63
N LEU B 136 0.87 5.04 -4.17
CA LEU B 136 1.06 6.25 -3.39
C LEU B 136 -0.20 7.10 -3.43
N ARG B 137 -1.35 6.44 -3.53
CA ARG B 137 -2.63 7.11 -3.69
C ARG B 137 -2.99 7.95 -2.47
N THR B 138 -2.48 7.58 -1.29
CA THR B 138 -2.83 8.23 -0.05
C THR B 138 -1.68 9.02 0.58
N ILE B 139 -0.56 9.18 -0.12
CA ILE B 139 0.59 9.88 0.45
C ILE B 139 0.47 11.34 0.03
N SER B 140 0.29 12.22 1.01
CA SER B 140 0.29 13.66 0.77
C SER B 140 1.69 14.21 0.59
N VAL B 141 1.80 15.24 -0.24
CA VAL B 141 3.08 15.84 -0.58
C VAL B 141 3.11 17.29 -0.14
N ILE B 142 4.22 17.69 0.47
CA ILE B 142 4.50 19.07 0.83
C ILE B 142 5.43 19.61 -0.25
N LEU B 143 4.97 20.58 -1.01
CA LEU B 143 5.73 21.05 -2.17
C LEU B 143 6.56 22.25 -1.75
N PHE B 144 7.89 22.15 -1.87
CA PHE B 144 8.79 23.26 -1.61
C PHE B 144 9.26 23.85 -2.93
N LEU B 145 8.84 25.08 -3.20
CA LEU B 145 9.27 25.84 -4.38
C LEU B 145 10.53 26.63 -4.07
N ASN B 146 11.70 26.01 -4.21
CA ASN B 146 12.92 26.61 -3.68
C ASN B 146 13.44 27.68 -4.64
N LYS B 147 14.43 28.42 -4.16
CA LYS B 147 15.15 29.41 -4.96
C LYS B 147 14.23 30.50 -5.50
N GLN B 148 13.39 31.04 -4.63
CA GLN B 148 12.51 32.13 -5.04
C GLN B 148 13.29 33.42 -5.27
N ASP B 149 14.40 33.61 -4.55
CA ASP B 149 15.21 34.81 -4.76
C ASP B 149 15.81 34.79 -6.15
N LEU B 150 16.29 33.63 -6.60
CA LEU B 150 16.80 33.51 -7.96
C LEU B 150 15.66 33.67 -8.96
N LEU B 151 14.48 33.15 -8.63
CA LEU B 151 13.34 33.30 -9.53
C LEU B 151 12.99 34.77 -9.72
N ALA B 152 12.98 35.54 -8.62
CA ALA B 152 12.73 36.98 -8.74
C ALA B 152 13.84 37.65 -9.53
N GLU B 153 15.08 37.17 -9.38
CA GLU B 153 16.18 37.74 -10.15
C GLU B 153 15.95 37.55 -11.63
N LYS B 154 15.59 36.34 -12.03
CA LYS B 154 15.42 36.04 -13.44
C LYS B 154 14.20 36.75 -14.02
N VAL B 155 13.11 36.83 -13.26
CA VAL B 155 11.91 37.48 -13.78
C VAL B 155 12.14 38.98 -13.93
N LEU B 156 12.78 39.61 -12.92
CA LEU B 156 13.03 41.04 -13.00
C LEU B 156 14.04 41.36 -14.08
N ALA B 157 14.96 40.44 -14.35
CA ALA B 157 15.93 40.65 -15.42
C ALA B 157 15.25 40.62 -16.77
N GLY B 158 14.27 39.73 -16.95
CA GLY B 158 13.53 39.68 -18.19
C GLY B 158 14.30 39.15 -19.38
N LYS B 159 15.30 38.31 -19.14
CA LYS B 159 16.07 37.69 -20.21
C LYS B 159 15.53 36.33 -20.60
N SER B 160 15.12 35.51 -19.64
CA SER B 160 14.45 34.23 -19.91
C SER B 160 13.03 34.30 -19.35
N LYS B 161 12.06 34.44 -20.26
CA LYS B 161 10.67 34.62 -19.90
C LYS B 161 9.90 33.30 -19.90
N ILE B 162 8.94 33.20 -18.97
CA ILE B 162 8.20 31.96 -18.74
C ILE B 162 7.39 31.56 -19.97
N GLU B 163 6.94 32.54 -20.76
CA GLU B 163 6.09 32.25 -21.90
C GLU B 163 6.79 31.39 -22.95
N ASP B 164 8.12 31.47 -23.02
CA ASP B 164 8.83 30.65 -24.00
C ASP B 164 8.79 29.17 -23.61
N TYR B 165 8.65 28.88 -22.31
CA TYR B 165 8.58 27.49 -21.85
C TYR B 165 7.17 27.05 -21.50
N PHE B 166 6.36 27.95 -20.94
CA PHE B 166 4.96 27.68 -20.62
C PHE B 166 4.07 28.75 -21.26
N PRO B 167 3.62 28.54 -22.50
CA PRO B 167 2.80 29.59 -23.15
C PRO B 167 1.51 29.92 -22.41
N GLU B 168 1.03 29.01 -21.54
CA GLU B 168 -0.14 29.32 -20.73
C GLU B 168 0.09 30.56 -19.88
N PHE B 169 1.35 30.83 -19.54
CA PHE B 169 1.66 31.95 -18.66
C PHE B 169 1.23 33.27 -19.29
N ALA B 170 1.08 33.31 -20.62
CA ALA B 170 0.70 34.55 -21.24
C ALA B 170 -0.72 34.92 -20.85
N ARG B 171 -1.62 33.93 -20.78
CA ARG B 171 -3.02 34.17 -20.44
C ARG B 171 -3.29 34.02 -18.94
N TYR B 172 -2.27 33.85 -18.12
CA TYR B 172 -2.49 33.63 -16.69
C TYR B 172 -2.78 34.93 -15.93
N THR B 173 -3.75 34.84 -15.02
CA THR B 173 -4.18 35.95 -14.18
C THR B 173 -3.77 35.65 -12.74
N THR B 174 -3.16 36.62 -12.08
CA THR B 174 -2.78 36.47 -10.69
C THR B 174 -4.00 36.12 -9.83
N PRO B 175 -3.93 35.07 -9.01
CA PRO B 175 -5.10 34.67 -8.21
C PRO B 175 -5.52 35.76 -7.25
N GLU B 176 -6.83 35.80 -6.97
CA GLU B 176 -7.36 36.74 -5.99
C GLU B 176 -7.02 36.36 -4.55
N ASP B 177 -6.45 35.18 -4.32
CA ASP B 177 -6.06 34.76 -2.99
C ASP B 177 -4.57 34.95 -2.73
N ALA B 178 -3.87 35.57 -3.67
CA ALA B 178 -2.42 35.70 -3.56
C ALA B 178 -2.03 36.64 -2.44
N THR B 179 -0.96 36.30 -1.73
CA THR B 179 -0.46 37.10 -0.61
C THR B 179 0.99 37.46 -0.92
N PRO B 180 1.23 38.52 -1.66
CA PRO B 180 2.61 38.93 -1.95
C PRO B 180 3.27 39.57 -0.74
N GLU B 181 4.59 39.40 -0.66
CA GLU B 181 5.34 39.98 0.43
C GLU B 181 5.50 41.49 0.22
N PRO B 182 5.77 42.24 1.29
CA PRO B 182 5.90 43.70 1.15
C PRO B 182 6.97 44.08 0.14
N GLY B 183 6.57 44.86 -0.85
CA GLY B 183 7.47 45.30 -1.91
C GLY B 183 7.61 44.34 -3.06
N GLU B 184 6.98 43.17 -3.01
CA GLU B 184 7.13 42.18 -4.07
C GLU B 184 6.52 42.68 -5.37
N ASP B 185 7.28 42.57 -6.44
CA ASP B 185 6.81 43.00 -7.76
C ASP B 185 5.65 42.11 -8.20
N PRO B 186 4.56 42.68 -8.70
CA PRO B 186 3.47 41.85 -9.20
C PRO B 186 3.90 40.83 -10.24
N ARG B 187 4.98 41.11 -10.97
CA ARG B 187 5.52 40.12 -11.90
C ARG B 187 6.06 38.91 -11.15
N VAL B 188 6.75 39.14 -10.03
CA VAL B 188 7.28 38.01 -9.27
C VAL B 188 6.14 37.23 -8.63
N THR B 189 5.13 37.95 -8.14
CA THR B 189 3.98 37.31 -7.53
C THR B 189 3.26 36.43 -8.54
N ARG B 190 3.09 36.94 -9.76
CA ARG B 190 2.38 36.18 -10.78
C ARG B 190 3.21 35.00 -11.24
N ALA B 191 4.54 35.13 -11.24
CA ALA B 191 5.36 34.03 -11.72
C ALA B 191 5.33 32.87 -10.72
N LYS B 192 5.53 33.19 -9.44
CA LYS B 192 5.57 32.11 -8.46
C LYS B 192 4.19 31.54 -8.20
N TYR B 193 3.14 32.34 -8.39
CA TYR B 193 1.80 31.76 -8.25
C TYR B 193 1.39 31.00 -9.50
N PHE B 194 2.02 31.29 -10.64
CA PHE B 194 1.79 30.48 -11.83
C PHE B 194 2.40 29.11 -11.66
N ILE B 195 3.65 29.03 -11.19
CA ILE B 195 4.20 27.71 -10.91
C ILE B 195 3.40 26.99 -9.82
N ARG B 196 2.91 27.75 -8.82
CA ARG B 196 2.09 27.13 -7.79
C ARG B 196 0.84 26.50 -8.39
N ASP B 197 0.17 27.23 -9.28
CA ASP B 197 -1.07 26.68 -9.81
C ASP B 197 -0.78 25.65 -10.87
N GLU B 198 0.43 25.67 -11.43
CA GLU B 198 0.81 24.66 -12.39
C GLU B 198 0.94 23.31 -11.70
N PHE B 199 1.35 23.31 -10.42
CA PHE B 199 1.38 22.05 -9.69
C PHE B 199 0.01 21.69 -9.08
N LEU B 200 -0.78 22.69 -8.71
CA LEU B 200 -2.13 22.38 -8.20
C LEU B 200 -3.05 21.87 -9.29
N ARG B 201 -2.86 22.30 -10.54
CA ARG B 201 -3.67 21.75 -11.64
C ARG B 201 -3.47 20.25 -11.79
N ILE B 202 -2.33 19.73 -11.37
CA ILE B 202 -2.08 18.30 -11.37
C ILE B 202 -2.61 17.66 -10.10
N SER B 203 -2.40 18.32 -8.95
CA SER B 203 -2.76 17.72 -7.68
C SER B 203 -4.27 17.60 -7.49
N THR B 204 -5.04 18.55 -8.02
CA THR B 204 -6.50 18.51 -7.86
C THR B 204 -7.18 17.68 -8.96
N ALA B 205 -6.44 17.26 -9.98
CA ALA B 205 -7.05 16.48 -11.05
C ALA B 205 -7.37 15.04 -10.66
N SER B 206 -6.69 14.46 -9.67
CA SER B 206 -7.01 13.09 -9.30
C SER B 206 -6.74 12.75 -7.84
N GLY B 207 -6.78 13.72 -6.93
CA GLY B 207 -6.54 13.40 -5.54
C GLY B 207 -7.74 12.79 -4.83
N ASP B 208 -8.93 13.33 -5.11
CA ASP B 208 -10.26 12.88 -4.67
C ASP B 208 -10.29 12.66 -3.15
N GLY B 209 -9.70 13.56 -2.38
CA GLY B 209 -9.71 13.58 -0.93
C GLY B 209 -8.89 12.51 -0.26
N ARG B 210 -8.24 11.60 -1.00
CA ARG B 210 -7.43 10.60 -0.32
C ARG B 210 -6.13 11.19 0.17
N HIS B 211 -5.64 12.22 -0.50
CA HIS B 211 -4.42 12.93 -0.13
C HIS B 211 -4.43 14.32 -0.76
N TYR B 212 -3.58 15.20 -0.26
CA TYR B 212 -3.59 16.59 -0.66
C TYR B 212 -2.16 17.06 -0.92
N CYS B 213 -2.04 18.23 -1.53
CA CYS B 213 -0.77 18.87 -1.82
C CYS B 213 -0.74 20.24 -1.16
N TYR B 214 0.35 20.54 -0.46
CA TYR B 214 0.46 21.78 0.30
C TYR B 214 1.64 22.61 -0.20
N PRO B 215 1.40 23.59 -1.07
CA PRO B 215 2.50 24.37 -1.61
C PRO B 215 3.04 25.37 -0.60
N HIS B 216 4.33 25.65 -0.71
CA HIS B 216 4.96 26.64 0.17
C HIS B 216 6.07 27.33 -0.59
N PHE B 217 6.16 28.65 -0.41
CA PHE B 217 7.23 29.44 -0.99
C PHE B 217 8.40 29.50 -0.02
N THR B 218 9.56 29.01 -0.44
CA THR B 218 10.70 28.87 0.45
C THR B 218 11.92 29.48 -0.22
N CYS B 219 12.88 29.92 0.59
CA CYS B 219 14.19 30.30 0.09
C CYS B 219 15.29 29.59 0.86
N ALA B 220 16.51 29.70 0.35
CA ALA B 220 17.62 28.88 0.84
C ALA B 220 18.01 29.27 2.26
N VAL B 221 17.70 30.49 2.68
CA VAL B 221 18.06 30.97 4.01
C VAL B 221 16.82 31.09 4.90
N ASP B 222 15.75 30.37 4.56
CA ASP B 222 14.52 30.41 5.35
C ASP B 222 14.67 29.43 6.52
N THR B 223 14.71 29.97 7.75
CA THR B 223 14.86 29.13 8.92
C THR B 223 13.58 28.44 9.34
N GLU B 224 12.43 28.93 8.86
CA GLU B 224 11.12 28.37 9.26
C GLU B 224 10.70 27.35 8.22
N ASN B 225 11.37 26.20 8.24
CA ASN B 225 11.00 25.07 7.41
C ASN B 225 10.53 23.86 8.19
N ALA B 226 11.11 23.59 9.37
CA ALA B 226 10.58 22.52 10.20
C ALA B 226 9.20 22.86 10.74
N ARG B 227 8.94 24.14 11.00
CA ARG B 227 7.61 24.56 11.46
C ARG B 227 6.56 24.33 10.37
N ARG B 228 6.91 24.61 9.12
CA ARG B 228 5.98 24.38 8.02
C ARG B 228 5.65 22.90 7.89
N ILE B 229 6.67 22.04 7.96
CA ILE B 229 6.44 20.60 7.86
C ILE B 229 5.63 20.10 9.05
N PHE B 230 5.89 20.65 10.23
CA PHE B 230 5.10 20.29 11.41
C PHE B 230 3.62 20.63 11.19
N ASN B 231 3.35 21.87 10.78
CA ASN B 231 1.97 22.29 10.57
C ASN B 231 1.30 21.45 9.51
N ASP B 232 2.02 21.12 8.43
CA ASP B 232 1.39 20.41 7.34
C ASP B 232 1.19 18.93 7.66
N CYS B 233 2.09 18.33 8.43
CA CYS B 233 1.85 16.97 8.90
C CYS B 233 0.66 16.93 9.85
N ARG B 234 0.53 17.93 10.71
CA ARG B 234 -0.65 18.01 11.57
C ARG B 234 -1.92 18.15 10.74
N ASP B 235 -1.88 18.97 9.68
CA ASP B 235 -3.03 19.11 8.81
C ASP B 235 -3.34 17.80 8.09
N ILE B 236 -2.31 17.07 7.67
CA ILE B 236 -2.50 15.78 7.00
C ILE B 236 -3.23 14.82 7.92
N ILE B 237 -2.77 14.73 9.18
CA ILE B 237 -3.39 13.80 10.10
C ILE B 237 -4.80 14.24 10.46
N GLN B 238 -5.02 15.56 10.60
CA GLN B 238 -6.37 16.05 10.86
C GLN B 238 -7.31 15.69 9.72
N ARG B 239 -6.88 15.87 8.48
CA ARG B 239 -7.73 15.54 7.35
C ARG B 239 -7.97 14.05 7.24
N MET B 240 -6.94 13.24 7.54
CA MET B 240 -7.12 11.79 7.53
C MET B 240 -8.15 11.36 8.57
N HIS B 241 -8.06 11.91 9.77
CA HIS B 241 -9.04 11.58 10.80
C HIS B 241 -10.43 12.07 10.43
N LEU B 242 -10.53 13.27 9.87
CA LEU B 242 -11.83 13.80 9.47
C LEU B 242 -12.48 12.94 8.41
N ARG B 243 -11.70 12.47 7.43
CA ARG B 243 -12.26 11.61 6.40
C ARG B 243 -12.52 10.20 6.92
N GLN B 244 -11.78 9.77 7.95
CA GLN B 244 -12.04 8.47 8.54
C GLN B 244 -13.42 8.41 9.18
N TYR B 245 -13.83 9.49 9.83
CA TYR B 245 -15.15 9.61 10.43
C TYR B 245 -16.18 10.13 9.45
N GLU B 246 -15.84 10.19 8.17
CA GLU B 246 -16.72 10.58 7.06
C GLU B 246 -17.23 12.00 7.17
N LEU B 247 -16.62 12.84 8.01
CA LEU B 247 -17.05 14.23 8.07
C LEU B 247 -16.61 14.98 6.82
N LEU B 248 -15.30 15.12 6.64
CA LEU B 248 -14.78 15.90 5.52
C LEU B 248 -14.97 15.16 4.20
N SER C 20 28.87 2.65 -39.66
CA SER C 20 29.94 2.67 -38.68
C SER C 20 30.18 1.29 -38.10
N GLU C 21 31.20 1.16 -37.26
CA GLU C 21 31.43 -0.12 -36.60
C GLU C 21 30.25 -0.42 -35.71
N LEU C 22 29.73 0.58 -35.01
CA LEU C 22 28.58 0.37 -34.16
C LEU C 22 27.39 -0.08 -34.99
N ASP C 23 27.21 0.51 -36.17
CA ASP C 23 26.12 0.09 -37.01
C ASP C 23 26.25 -1.35 -37.50
N GLN C 24 27.46 -1.71 -37.86
CA GLN C 24 27.66 -3.06 -38.31
C GLN C 24 27.35 -3.99 -37.15
N LEU C 25 27.73 -3.58 -35.95
CA LEU C 25 27.48 -4.39 -34.77
C LEU C 25 26.00 -4.58 -34.50
N ARG C 26 25.23 -3.51 -34.63
CA ARG C 26 23.82 -3.66 -34.43
C ARG C 26 23.25 -4.60 -35.49
N GLN C 27 23.72 -4.49 -36.73
CA GLN C 27 23.19 -5.34 -37.77
C GLN C 27 23.49 -6.81 -37.45
N GLU C 28 24.70 -7.08 -37.01
CA GLU C 28 25.08 -8.45 -36.70
C GLU C 28 24.27 -8.99 -35.55
N ALA C 29 24.02 -8.15 -34.54
CA ALA C 29 23.21 -8.58 -33.42
C ALA C 29 21.78 -8.88 -33.82
N GLU C 30 21.22 -8.07 -34.71
CA GLU C 30 19.89 -8.37 -35.18
C GLU C 30 19.91 -9.71 -35.91
N GLN C 31 20.96 -9.96 -36.68
CA GLN C 31 21.08 -11.25 -37.34
C GLN C 31 21.12 -12.40 -36.33
N LEU C 32 21.89 -12.24 -35.27
CA LEU C 32 22.00 -13.29 -34.28
C LEU C 32 20.66 -13.53 -33.63
N LYS C 33 19.94 -12.46 -33.36
CA LYS C 33 18.64 -12.59 -32.75
C LYS C 33 17.69 -13.34 -33.65
N ASN C 34 17.74 -13.04 -34.95
CA ASN C 34 16.88 -13.73 -35.90
C ASN C 34 17.23 -15.21 -35.91
N GLN C 35 18.52 -15.52 -35.88
CA GLN C 35 18.94 -16.91 -35.87
C GLN C 35 18.40 -17.66 -34.65
N ILE C 36 18.48 -17.03 -33.46
CA ILE C 36 17.98 -17.67 -32.23
C ILE C 36 16.48 -17.87 -32.29
N ARG C 37 15.81 -16.86 -32.82
CA ARG C 37 14.39 -16.94 -32.87
C ARG C 37 14.00 -18.08 -33.72
N ASP C 38 14.71 -18.24 -34.84
CA ASP C 38 14.45 -19.35 -35.76
C ASP C 38 14.72 -20.71 -35.17
N ALA C 39 15.79 -20.84 -34.38
CA ALA C 39 15.99 -22.11 -33.68
C ALA C 39 14.82 -22.41 -32.77
N ARG C 40 14.35 -21.39 -32.07
CA ARG C 40 13.18 -21.61 -31.21
C ARG C 40 11.95 -22.00 -32.00
N LYS C 41 11.77 -21.41 -33.17
CA LYS C 41 10.64 -21.74 -34.01
C LYS C 41 10.73 -23.17 -34.45
N ALA C 42 11.93 -23.60 -34.77
CA ALA C 42 12.14 -24.99 -35.15
C ALA C 42 11.77 -25.89 -34.02
N CYS C 43 12.13 -25.55 -32.77
CA CYS C 43 11.73 -26.49 -31.72
C CYS C 43 10.29 -26.46 -31.29
N ALA C 44 9.42 -25.67 -31.92
CA ALA C 44 8.08 -25.52 -31.37
C ALA C 44 7.06 -26.27 -32.24
N ASP C 45 7.25 -27.59 -32.32
CA ASP C 45 6.34 -28.42 -33.11
C ASP C 45 4.99 -28.57 -32.44
N ALA C 46 4.93 -28.43 -31.12
CA ALA C 46 3.70 -28.56 -30.36
C ALA C 46 3.72 -27.59 -29.20
N THR C 47 2.65 -27.59 -28.42
CA THR C 47 2.52 -26.77 -27.22
C THR C 47 2.36 -27.68 -26.02
N LEU C 48 2.68 -27.14 -24.85
CA LEU C 48 2.56 -27.93 -23.63
C LEU C 48 1.11 -28.32 -23.36
N SER C 49 0.16 -27.46 -23.73
CA SER C 49 -1.24 -27.79 -23.48
C SER C 49 -1.70 -28.96 -24.34
N GLN C 50 -1.28 -29.01 -25.60
CA GLN C 50 -1.64 -30.14 -26.44
C GLN C 50 -1.05 -31.44 -25.89
N ILE C 51 0.18 -31.37 -25.37
CA ILE C 51 0.82 -32.55 -24.85
C ILE C 51 0.12 -33.04 -23.59
N THR C 52 -0.25 -32.11 -22.70
CA THR C 52 -0.83 -32.43 -21.41
C THR C 52 -2.35 -32.35 -21.40
N ASN C 53 -2.99 -32.40 -22.57
CA ASN C 53 -4.44 -32.32 -22.61
C ASN C 53 -5.11 -33.61 -22.13
N ASN C 54 -4.42 -34.75 -22.21
CA ASN C 54 -4.99 -36.01 -21.75
C ASN C 54 -4.73 -36.31 -20.28
N ILE C 55 -4.05 -35.43 -19.54
CA ILE C 55 -3.81 -35.68 -18.13
C ILE C 55 -5.08 -35.35 -17.33
N ASP C 56 -5.19 -35.93 -16.14
CA ASP C 56 -6.37 -35.54 -15.38
C ASP C 56 -6.10 -34.26 -14.59
N PRO C 57 -7.09 -33.38 -14.49
CA PRO C 57 -6.93 -32.14 -13.71
C PRO C 57 -6.73 -32.42 -12.23
N VAL C 58 -6.00 -31.51 -11.57
CA VAL C 58 -5.69 -31.66 -10.16
C VAL C 58 -6.93 -31.57 -9.27
N GLY C 59 -8.05 -31.09 -9.79
CA GLY C 59 -9.24 -30.91 -8.98
C GLY C 59 -9.23 -29.58 -8.25
N ARG C 60 -10.35 -29.32 -7.56
CA ARG C 60 -10.49 -28.12 -6.77
C ARG C 60 -9.56 -28.15 -5.56
N ILE C 61 -8.77 -27.11 -5.40
CA ILE C 61 -7.84 -26.96 -4.29
C ILE C 61 -8.33 -25.80 -3.43
N GLN C 62 -8.82 -26.13 -2.23
CA GLN C 62 -9.34 -25.17 -1.27
C GLN C 62 -8.46 -25.28 -0.02
N MET C 63 -7.39 -24.49 -0.01
CA MET C 63 -6.55 -24.38 1.16
C MET C 63 -7.13 -23.40 2.16
N ARG C 64 -6.77 -23.58 3.42
CA ARG C 64 -7.33 -22.76 4.50
C ARG C 64 -6.20 -22.26 5.38
N THR C 65 -6.45 -21.14 6.05
CA THR C 65 -5.44 -20.55 6.93
C THR C 65 -5.29 -21.44 8.14
N ARG C 66 -4.10 -22.03 8.33
CA ARG C 66 -3.87 -22.89 9.48
C ARG C 66 -3.14 -22.18 10.61
N ARG C 67 -2.36 -21.16 10.28
CA ARG C 67 -1.62 -20.39 11.27
C ARG C 67 -1.66 -18.92 10.88
N THR C 68 -1.45 -18.06 11.87
CA THR C 68 -1.29 -16.63 11.60
C THR C 68 -0.20 -16.09 12.51
N LEU C 69 0.78 -15.44 11.90
CA LEU C 69 2.00 -14.97 12.56
C LEU C 69 1.93 -13.44 12.65
N ARG C 70 1.75 -12.93 13.85
CA ARG C 70 1.53 -11.52 14.09
C ARG C 70 2.71 -10.95 14.86
N GLY C 71 2.89 -9.64 14.77
CA GLY C 71 3.88 -8.98 15.58
C GLY C 71 4.54 -7.84 14.84
N HIS C 72 4.54 -7.91 13.50
CA HIS C 72 5.31 -6.98 12.71
C HIS C 72 4.58 -5.64 12.65
N LEU C 73 5.35 -4.56 12.71
CA LEU C 73 4.80 -3.22 12.77
C LEU C 73 4.70 -2.54 11.42
N ALA C 74 5.16 -3.16 10.34
CA ALA C 74 5.11 -2.51 9.04
C ALA C 74 4.94 -3.56 7.96
N LYS C 75 5.03 -3.12 6.71
CA LYS C 75 4.78 -3.98 5.57
C LYS C 75 5.92 -4.96 5.40
N ILE C 76 5.59 -6.23 5.23
CA ILE C 76 6.59 -7.28 5.10
C ILE C 76 7.06 -7.33 3.65
N TYR C 77 8.35 -7.62 3.46
CA TYR C 77 8.92 -7.64 2.12
C TYR C 77 9.65 -8.92 1.77
N ALA C 78 10.00 -9.75 2.73
CA ALA C 78 10.74 -10.96 2.40
C ALA C 78 10.54 -12.00 3.47
N MET C 79 10.60 -13.25 3.07
CA MET C 79 10.53 -14.36 4.00
C MET C 79 11.27 -15.53 3.39
N HIS C 80 11.71 -16.45 4.23
CA HIS C 80 12.39 -17.64 3.73
C HIS C 80 12.23 -18.75 4.74
N TRP C 81 11.68 -19.88 4.30
CA TRP C 81 11.59 -21.04 5.16
C TRP C 81 12.99 -21.58 5.43
N GLY C 82 13.13 -22.30 6.53
CA GLY C 82 14.35 -23.03 6.77
C GLY C 82 14.32 -24.40 6.15
N THR C 83 15.48 -25.08 6.22
CA THR C 83 15.54 -26.43 5.68
C THR C 83 14.75 -27.39 6.55
N ASP C 84 14.67 -27.12 7.84
CA ASP C 84 13.91 -27.97 8.76
C ASP C 84 12.41 -27.85 8.57
N SER C 85 11.93 -26.92 7.72
CA SER C 85 10.51 -26.68 7.51
C SER C 85 9.80 -26.27 8.79
N ARG C 86 10.56 -25.82 9.79
CA ARG C 86 10.00 -25.38 11.07
C ARG C 86 10.21 -23.90 11.35
N LEU C 87 11.44 -23.42 11.25
CA LEU C 87 11.74 -22.01 11.47
C LEU C 87 11.60 -21.21 10.17
N LEU C 88 11.35 -19.91 10.31
CA LEU C 88 11.29 -19.05 9.15
C LEU C 88 11.62 -17.63 9.56
N VAL C 89 12.16 -16.85 8.64
CA VAL C 89 12.53 -15.46 8.89
C VAL C 89 11.65 -14.54 8.07
N SER C 90 11.29 -13.40 8.65
CA SER C 90 10.46 -12.41 7.97
C SER C 90 11.08 -11.05 8.19
N ALA C 91 11.03 -10.22 7.15
CA ALA C 91 11.63 -8.88 7.15
C ALA C 91 10.54 -7.84 6.99
N SER C 92 10.47 -6.90 7.93
CA SER C 92 9.54 -5.79 7.81
C SER C 92 10.30 -4.47 7.75
N GLN C 93 9.64 -3.44 7.20
CA GLN C 93 10.31 -2.16 7.03
C GLN C 93 10.22 -1.28 8.27
N ASP C 94 9.94 -1.89 9.42
CA ASP C 94 10.10 -1.23 10.71
C ASP C 94 11.50 -1.42 11.25
N GLY C 95 12.41 -1.96 10.43
CA GLY C 95 13.76 -2.21 10.86
C GLY C 95 13.93 -3.52 11.60
N LYS C 96 13.07 -4.49 11.37
CA LYS C 96 13.13 -5.75 12.10
C LYS C 96 13.17 -6.96 11.18
N LEU C 97 13.69 -8.03 11.77
CA LEU C 97 13.83 -9.35 11.15
C LEU C 97 13.46 -10.38 12.21
N ILE C 98 12.24 -10.87 12.14
CA ILE C 98 11.70 -11.72 13.20
C ILE C 98 11.79 -13.16 12.71
N ILE C 99 12.23 -14.06 13.58
CA ILE C 99 12.28 -15.48 13.26
C ILE C 99 11.17 -16.18 14.04
N TRP C 100 10.40 -17.00 13.33
CA TRP C 100 9.21 -17.65 13.85
C TRP C 100 9.41 -19.15 13.89
N ASP C 101 8.80 -19.75 14.92
CA ASP C 101 8.59 -21.18 15.04
C ASP C 101 7.16 -21.41 14.56
N SER C 102 7.02 -21.75 13.28
CA SER C 102 5.70 -21.76 12.64
C SER C 102 4.73 -22.75 13.26
N TYR C 103 5.21 -23.80 13.94
CA TYR C 103 4.29 -24.75 14.55
C TYR C 103 3.60 -24.13 15.76
N THR C 104 4.35 -23.44 16.61
CA THR C 104 3.83 -22.89 17.86
C THR C 104 3.68 -21.38 17.84
N THR C 105 3.92 -20.73 16.70
CA THR C 105 3.80 -19.28 16.53
C THR C 105 4.70 -18.49 17.48
N ASN C 106 5.67 -19.14 18.11
CA ASN C 106 6.57 -18.40 18.98
C ASN C 106 7.66 -17.73 18.16
N LYS C 107 8.16 -16.62 18.67
CA LYS C 107 9.25 -15.89 18.05
C LYS C 107 10.56 -16.35 18.70
N VAL C 108 11.53 -16.72 17.86
CA VAL C 108 12.81 -17.17 18.40
C VAL C 108 13.78 -16.02 18.53
N HIS C 109 13.75 -15.08 17.58
CA HIS C 109 14.61 -13.91 17.61
C HIS C 109 13.86 -12.74 17.00
N ALA C 110 14.27 -11.54 17.38
CA ALA C 110 13.74 -10.30 16.83
C ALA C 110 14.94 -9.37 16.63
N ILE C 111 15.49 -9.35 15.42
CA ILE C 111 16.74 -8.66 15.15
C ILE C 111 16.42 -7.26 14.66
N PRO C 112 16.79 -6.21 15.41
CA PRO C 112 16.67 -4.84 14.89
C PRO C 112 17.74 -4.55 13.86
N LEU C 113 17.36 -3.78 12.84
CA LEU C 113 18.23 -3.46 11.72
C LEU C 113 18.68 -2.01 11.78
N ARG C 114 19.95 -1.77 11.45
CA ARG C 114 20.51 -0.43 11.45
C ARG C 114 19.84 0.44 10.39
N SER C 115 19.34 -0.17 9.32
CA SER C 115 18.56 0.51 8.30
C SER C 115 17.19 -0.15 8.23
N SER C 116 16.14 0.67 8.29
CA SER C 116 14.78 0.18 8.33
C SER C 116 14.22 -0.17 6.95
N TRP C 117 14.92 0.20 5.88
CA TRP C 117 14.39 0.00 4.53
C TRP C 117 14.83 -1.33 3.93
N VAL C 118 14.56 -2.41 4.66
CA VAL C 118 14.93 -3.74 4.18
C VAL C 118 13.98 -4.15 3.05
N MET C 119 14.53 -4.89 2.08
CA MET C 119 13.79 -5.32 0.91
C MET C 119 13.89 -6.81 0.65
N THR C 120 14.86 -7.51 1.23
CA THR C 120 15.02 -8.94 1.04
C THR C 120 15.61 -9.53 2.32
N CYS C 121 15.44 -10.85 2.46
CA CYS C 121 15.98 -11.57 3.59
C CYS C 121 16.10 -13.04 3.25
N ALA C 122 17.18 -13.67 3.70
CA ALA C 122 17.41 -15.09 3.46
C ALA C 122 17.74 -15.79 4.77
N TYR C 123 17.63 -17.11 4.74
CA TYR C 123 17.91 -17.96 5.89
C TYR C 123 18.87 -19.04 5.44
N ALA C 124 20.08 -19.04 5.99
CA ALA C 124 21.11 -19.96 5.52
C ALA C 124 20.64 -21.41 5.68
N PRO C 125 20.98 -22.29 4.74
CA PRO C 125 20.51 -23.69 4.83
C PRO C 125 21.01 -24.44 6.04
N SER C 126 22.09 -23.98 6.67
CA SER C 126 22.56 -24.60 7.90
C SER C 126 21.84 -24.05 9.13
N GLY C 127 20.97 -23.06 8.97
CA GLY C 127 20.29 -22.45 10.08
C GLY C 127 21.18 -21.63 11.00
N ASN C 128 22.44 -21.44 10.64
CA ASN C 128 23.39 -20.70 11.46
C ASN C 128 23.34 -19.20 11.24
N TYR C 129 22.93 -18.76 10.05
CA TYR C 129 23.01 -17.34 9.70
C TYR C 129 21.73 -16.91 9.00
N VAL C 130 21.41 -15.63 9.18
CA VAL C 130 20.38 -14.95 8.40
C VAL C 130 21.03 -13.77 7.69
N ALA C 131 20.46 -13.37 6.56
CA ALA C 131 20.96 -12.23 5.82
C ALA C 131 19.82 -11.30 5.49
N CYS C 132 20.18 -10.05 5.19
CA CYS C 132 19.16 -9.07 4.80
C CYS C 132 19.83 -7.83 4.23
N GLY C 133 19.07 -7.10 3.43
CA GLY C 133 19.59 -5.88 2.84
C GLY C 133 18.46 -5.09 2.23
N GLY C 134 18.80 -3.89 1.79
CA GLY C 134 17.80 -3.01 1.24
C GLY C 134 18.37 -1.75 0.60
N LEU C 135 17.74 -0.61 0.88
CA LEU C 135 18.15 0.63 0.28
C LEU C 135 19.50 1.13 0.77
N ASP C 136 20.08 0.52 1.81
CA ASP C 136 21.41 0.87 2.25
C ASP C 136 22.52 0.32 1.36
N ASN C 137 22.19 -0.48 0.36
CA ASN C 137 23.15 -1.08 -0.57
C ASN C 137 24.14 -2.01 0.14
N ILE C 138 23.71 -2.61 1.24
CA ILE C 138 24.59 -3.41 2.09
C ILE C 138 23.89 -4.72 2.39
N CYS C 139 24.61 -5.83 2.32
CA CYS C 139 24.08 -7.12 2.76
C CYS C 139 24.62 -7.47 4.14
N SER C 140 23.73 -7.60 5.12
CA SER C 140 24.13 -7.80 6.50
C SER C 140 23.87 -9.26 6.85
N ILE C 141 24.89 -9.91 7.43
CA ILE C 141 24.81 -11.28 7.92
C ILE C 141 24.74 -11.26 9.43
N TYR C 142 23.84 -12.06 9.99
CA TYR C 142 23.66 -12.19 11.43
C TYR C 142 23.87 -13.66 11.78
N ASN C 143 24.72 -13.90 12.79
CA ASN C 143 25.08 -15.23 13.24
C ASN C 143 24.06 -15.65 14.30
N LEU C 144 23.22 -16.63 13.98
CA LEU C 144 22.23 -17.12 14.93
C LEU C 144 22.82 -17.96 16.07
N LYS C 145 23.95 -18.62 15.86
CA LYS C 145 24.61 -19.43 16.90
C LYS C 145 25.66 -18.66 17.70
N THR C 146 25.30 -17.49 18.20
CA THR C 146 26.20 -16.71 19.03
C THR C 146 26.59 -17.41 20.34
N ARG C 147 27.73 -16.98 20.87
CA ARG C 147 28.36 -17.62 22.02
C ARG C 147 28.16 -16.81 23.30
N GLU C 148 27.76 -15.54 23.15
CA GLU C 148 27.48 -14.71 24.30
C GLU C 148 26.01 -14.72 24.69
N GLY C 149 25.15 -15.38 23.93
CA GLY C 149 23.73 -15.22 24.16
C GLY C 149 22.88 -14.74 22.99
N ASN C 150 23.12 -13.54 22.48
CA ASN C 150 22.19 -12.91 21.56
C ASN C 150 22.82 -12.73 20.18
N VAL C 151 21.98 -12.93 19.15
CA VAL C 151 22.28 -12.70 17.74
C VAL C 151 22.61 -11.22 17.49
N ARG C 152 23.72 -10.98 16.80
CA ARG C 152 24.22 -9.65 16.50
C ARG C 152 24.82 -9.69 15.09
N VAL C 153 25.40 -8.57 14.67
CA VAL C 153 25.95 -8.50 13.32
C VAL C 153 27.26 -9.27 13.30
N SER C 154 27.49 -10.02 12.21
CA SER C 154 28.75 -10.74 12.05
C SER C 154 29.56 -10.21 10.87
N ARG C 155 28.96 -10.20 9.68
CA ARG C 155 29.55 -9.65 8.48
C ARG C 155 28.59 -8.64 7.84
N GLU C 156 29.11 -7.91 6.85
CA GLU C 156 28.38 -6.84 6.17
C GLU C 156 29.11 -6.57 4.88
N LEU C 157 28.41 -6.85 3.79
CA LEU C 157 28.92 -6.90 2.43
C LEU C 157 28.62 -5.59 1.73
N ALA C 158 29.68 -4.89 1.32
CA ALA C 158 29.59 -3.57 0.73
C ALA C 158 30.11 -3.67 -0.70
N GLY C 159 29.64 -2.76 -1.56
CA GLY C 159 30.19 -2.68 -2.89
C GLY C 159 29.16 -2.32 -3.93
N HIS C 160 27.88 -2.53 -3.61
CA HIS C 160 26.83 -2.36 -4.60
C HIS C 160 26.48 -0.88 -4.67
N THR C 161 26.21 -0.40 -5.88
CA THR C 161 25.71 0.95 -6.07
C THR C 161 24.19 1.01 -6.18
N GLY C 162 23.48 -0.08 -5.90
CA GLY C 162 22.03 -0.08 -5.98
C GLY C 162 21.42 -0.86 -4.84
N TYR C 163 20.09 -0.85 -4.81
CA TYR C 163 19.35 -1.43 -3.70
C TYR C 163 19.29 -2.95 -3.84
N LEU C 164 19.43 -3.65 -2.73
CA LEU C 164 19.48 -5.11 -2.77
C LEU C 164 18.05 -5.63 -2.83
N SER C 165 17.75 -6.42 -3.85
CA SER C 165 16.39 -6.90 -4.07
C SER C 165 16.21 -8.36 -3.69
N CYS C 166 17.25 -9.17 -3.74
CA CYS C 166 17.14 -10.58 -3.41
C CYS C 166 18.53 -11.10 -3.11
N CYS C 167 18.58 -12.15 -2.29
CA CYS C 167 19.84 -12.79 -1.91
C CYS C 167 19.52 -14.18 -1.39
N ARG C 168 20.41 -15.13 -1.67
CA ARG C 168 20.22 -16.51 -1.24
C ARG C 168 21.58 -17.13 -0.97
N PHE C 169 21.68 -17.87 0.13
CA PHE C 169 22.93 -18.55 0.45
C PHE C 169 23.13 -19.76 -0.44
N LEU C 170 24.39 -20.04 -0.76
CA LEU C 170 24.79 -21.35 -1.26
C LEU C 170 25.27 -22.23 -0.12
N ASP C 171 26.22 -21.75 0.68
CA ASP C 171 26.61 -22.42 1.91
C ASP C 171 26.87 -21.35 2.95
N ASP C 172 27.51 -21.75 4.06
CA ASP C 172 27.72 -20.82 5.17
C ASP C 172 28.79 -19.78 4.90
N ASN C 173 29.46 -19.81 3.74
CA ASN C 173 30.49 -18.83 3.42
C ASN C 173 30.35 -18.20 2.04
N GLN C 174 29.48 -18.72 1.18
CA GLN C 174 29.26 -18.17 -0.16
C GLN C 174 27.82 -17.69 -0.25
N ILE C 175 27.61 -16.47 -0.76
CA ILE C 175 26.24 -15.94 -0.90
C ILE C 175 26.12 -15.10 -2.16
N VAL C 176 25.01 -15.25 -2.89
CA VAL C 176 24.77 -14.48 -4.10
C VAL C 176 23.70 -13.42 -3.83
N THR C 177 23.89 -12.24 -4.41
CA THR C 177 23.03 -11.08 -4.21
C THR C 177 22.55 -10.56 -5.54
N SER C 178 21.42 -9.85 -5.51
CA SER C 178 20.83 -9.15 -6.65
C SER C 178 20.63 -7.69 -6.26
N SER C 179 20.91 -6.78 -7.18
CA SER C 179 20.90 -5.37 -6.80
C SER C 179 20.27 -4.54 -7.90
N GLY C 180 19.92 -3.31 -7.54
CA GLY C 180 19.34 -2.33 -8.45
C GLY C 180 20.33 -1.63 -9.34
N ASP C 181 21.63 -1.92 -9.17
CA ASP C 181 22.66 -1.43 -10.07
C ASP C 181 22.75 -2.28 -11.33
N THR C 182 21.71 -3.09 -11.57
CA THR C 182 21.58 -3.94 -12.75
C THR C 182 22.60 -5.07 -12.75
N THR C 183 23.12 -5.40 -11.56
CA THR C 183 24.12 -6.45 -11.41
C THR C 183 23.76 -7.39 -10.26
N CYS C 184 24.28 -8.60 -10.37
CA CYS C 184 24.26 -9.59 -9.32
C CYS C 184 25.71 -9.89 -8.93
N ALA C 185 25.89 -10.41 -7.72
CA ALA C 185 27.26 -10.62 -7.27
C ALA C 185 27.33 -11.86 -6.39
N LEU C 186 28.39 -12.63 -6.56
CA LEU C 186 28.71 -13.74 -5.68
C LEU C 186 29.80 -13.32 -4.71
N TRP C 187 29.54 -13.53 -3.41
CA TRP C 187 30.34 -13.05 -2.30
C TRP C 187 30.96 -14.21 -1.55
N ASP C 188 32.14 -13.97 -1.01
CA ASP C 188 32.78 -14.82 -0.01
C ASP C 188 32.62 -14.16 1.36
N ILE C 189 31.69 -14.69 2.15
CA ILE C 189 31.22 -14.02 3.37
C ILE C 189 32.39 -13.75 4.32
N GLU C 190 33.35 -14.67 4.41
CA GLU C 190 34.45 -14.48 5.34
C GLU C 190 35.36 -13.34 4.89
N THR C 191 35.96 -13.45 3.71
CA THR C 191 36.86 -12.39 3.26
C THR C 191 36.12 -11.09 2.92
N GLY C 192 34.81 -11.16 2.67
CA GLY C 192 33.99 -10.02 2.29
C GLY C 192 34.18 -9.47 0.89
N GLN C 193 34.88 -10.19 0.02
CA GLN C 193 35.16 -9.79 -1.35
C GLN C 193 34.13 -10.39 -2.32
N GLN C 194 33.77 -9.62 -3.34
CA GLN C 194 32.88 -10.13 -4.38
C GLN C 194 33.72 -11.04 -5.26
N THR C 195 33.62 -12.35 -5.00
CA THR C 195 34.39 -13.34 -5.74
C THR C 195 33.92 -13.47 -7.18
N THR C 196 32.71 -13.01 -7.50
CA THR C 196 32.24 -13.12 -8.88
C THR C 196 31.21 -12.04 -9.16
N THR C 197 31.26 -11.43 -10.32
CA THR C 197 30.34 -10.38 -10.68
C THR C 197 29.55 -10.81 -11.91
N PHE C 198 28.24 -10.52 -11.89
CA PHE C 198 27.33 -10.84 -12.98
C PHE C 198 26.76 -9.53 -13.49
N THR C 199 27.14 -9.16 -14.70
CA THR C 199 26.66 -7.97 -15.37
C THR C 199 26.07 -8.33 -16.72
N GLY C 200 25.16 -7.50 -17.19
CA GLY C 200 24.52 -7.71 -18.47
C GLY C 200 23.07 -7.28 -18.49
N HIS C 201 22.45 -7.15 -17.32
CA HIS C 201 21.07 -6.68 -17.27
C HIS C 201 21.05 -5.17 -17.50
N THR C 202 20.00 -4.71 -18.18
CA THR C 202 19.85 -3.28 -18.45
C THR C 202 19.10 -2.58 -17.33
N GLY C 203 18.05 -3.22 -16.81
CA GLY C 203 17.27 -2.69 -15.72
C GLY C 203 17.60 -3.35 -14.38
N ASP C 204 16.88 -2.89 -13.36
CA ASP C 204 17.10 -3.36 -11.99
C ASP C 204 16.76 -4.85 -11.85
N VAL C 205 17.71 -5.61 -11.31
CA VAL C 205 17.50 -7.02 -11.01
C VAL C 205 16.64 -7.12 -9.76
N MET C 206 15.50 -7.80 -9.87
CA MET C 206 14.53 -7.86 -8.78
C MET C 206 14.52 -9.18 -8.03
N SER C 207 14.86 -10.29 -8.68
CA SER C 207 14.76 -11.59 -8.03
C SER C 207 15.79 -12.56 -8.59
N LEU C 208 16.25 -13.48 -7.75
CA LEU C 208 17.17 -14.54 -8.14
C LEU C 208 16.65 -15.86 -7.57
N SER C 209 17.04 -16.96 -8.22
CA SER C 209 16.61 -18.29 -7.80
C SER C 209 17.75 -19.28 -8.01
N LEU C 210 18.17 -19.94 -6.93
CA LEU C 210 19.25 -20.91 -6.98
C LEU C 210 18.75 -22.27 -7.43
N ALA C 211 19.54 -22.94 -8.28
CA ALA C 211 19.21 -24.30 -8.66
C ALA C 211 19.27 -25.24 -7.46
N PRO C 212 18.52 -26.35 -7.50
CA PRO C 212 18.55 -27.29 -6.36
C PRO C 212 19.92 -27.85 -6.07
N ASP C 213 20.87 -27.72 -7.01
CA ASP C 213 22.21 -28.26 -6.86
C ASP C 213 23.28 -27.17 -6.74
N THR C 214 22.88 -25.92 -6.50
CA THR C 214 23.81 -24.82 -6.23
C THR C 214 24.63 -24.46 -7.48
N ARG C 215 24.50 -25.23 -8.55
CA ARG C 215 25.42 -25.09 -9.68
C ARG C 215 25.12 -23.88 -10.55
N LEU C 216 23.85 -23.53 -10.76
CA LEU C 216 23.48 -22.39 -11.58
C LEU C 216 22.42 -21.56 -10.87
N PHE C 217 22.15 -20.37 -11.41
CA PHE C 217 21.06 -19.57 -10.86
C PHE C 217 20.57 -18.60 -11.93
N VAL C 218 19.29 -18.24 -11.85
CA VAL C 218 18.68 -17.33 -12.81
C VAL C 218 18.35 -16.02 -12.09
N SER C 219 18.14 -14.98 -12.88
CA SER C 219 17.85 -13.65 -12.36
C SER C 219 16.85 -12.99 -13.29
N GLY C 220 15.88 -12.30 -12.69
CA GLY C 220 14.86 -11.56 -13.41
C GLY C 220 15.01 -10.07 -13.21
N ALA C 221 15.06 -9.33 -14.32
CA ALA C 221 15.33 -7.91 -14.22
C ALA C 221 14.16 -7.11 -14.80
N CYS C 222 14.25 -5.79 -14.65
CA CYS C 222 13.21 -4.88 -15.10
C CYS C 222 13.25 -4.65 -16.62
N ASP C 223 14.19 -5.29 -17.31
CA ASP C 223 14.21 -5.29 -18.76
C ASP C 223 13.37 -6.41 -19.34
N ALA C 224 12.44 -6.94 -18.56
CA ALA C 224 11.51 -7.99 -19.00
C ALA C 224 12.27 -9.23 -19.45
N SER C 225 13.44 -9.47 -18.87
CA SER C 225 14.29 -10.58 -19.27
C SER C 225 14.80 -11.33 -18.06
N ALA C 226 14.98 -12.64 -18.24
CA ALA C 226 15.64 -13.50 -17.28
C ALA C 226 16.95 -14.02 -17.84
N LYS C 227 17.94 -14.20 -16.97
CA LYS C 227 19.25 -14.66 -17.42
C LYS C 227 19.69 -15.80 -16.52
N LEU C 228 20.22 -16.85 -17.12
CA LEU C 228 20.82 -17.98 -16.43
C LEU C 228 22.33 -17.80 -16.32
N TRP C 229 22.85 -17.91 -15.10
CA TRP C 229 24.24 -17.66 -14.79
C TRP C 229 24.86 -18.95 -14.26
N ASP C 230 26.07 -19.22 -14.74
CA ASP C 230 26.93 -20.29 -14.23
C ASP C 230 27.68 -19.80 -13.00
N VAL C 231 27.39 -20.41 -11.85
CA VAL C 231 27.89 -19.92 -10.57
C VAL C 231 29.42 -19.93 -10.55
N ARG C 232 30.02 -21.05 -10.92
CA ARG C 232 31.47 -21.18 -10.77
C ARG C 232 32.26 -20.45 -11.84
N GLU C 233 31.67 -20.17 -13.01
CA GLU C 233 32.40 -19.55 -14.10
C GLU C 233 32.05 -18.09 -14.34
N GLY C 234 30.89 -17.62 -13.87
CA GLY C 234 30.61 -16.20 -13.90
C GLY C 234 30.12 -15.69 -15.24
N MET C 235 29.67 -16.58 -16.11
CA MET C 235 29.20 -16.26 -17.44
C MET C 235 27.70 -16.50 -17.54
N CYS C 236 27.06 -15.70 -18.39
CA CYS C 236 25.63 -15.86 -18.67
C CYS C 236 25.46 -16.88 -19.78
N ARG C 237 24.77 -17.97 -19.47
CA ARG C 237 24.58 -19.09 -20.38
C ARG C 237 23.37 -18.90 -21.30
N GLN C 238 22.23 -18.49 -20.74
CA GLN C 238 21.01 -18.38 -21.53
C GLN C 238 20.29 -17.09 -21.14
N THR C 239 19.73 -16.40 -22.13
CA THR C 239 18.91 -15.22 -21.88
C THR C 239 17.52 -15.41 -22.46
N PHE C 240 16.49 -15.27 -21.62
CA PHE C 240 15.12 -15.46 -22.06
C PHE C 240 14.42 -14.10 -22.07
N THR C 241 13.60 -13.88 -23.10
CA THR C 241 12.83 -12.64 -23.28
C THR C 241 11.39 -13.02 -23.63
N GLY C 242 10.58 -13.29 -22.62
CA GLY C 242 9.21 -13.67 -22.88
C GLY C 242 8.18 -12.75 -22.25
N HIS C 243 8.54 -12.19 -21.09
CA HIS C 243 7.69 -11.21 -20.42
C HIS C 243 7.60 -9.87 -21.13
N GLU C 244 6.43 -9.27 -20.98
CA GLU C 244 6.02 -7.99 -21.52
C GLU C 244 6.37 -6.81 -20.63
N SER C 245 6.62 -7.03 -19.35
CA SER C 245 6.94 -5.95 -18.41
C SER C 245 7.95 -6.46 -17.39
N ASP C 246 8.14 -5.70 -16.31
CA ASP C 246 9.21 -6.00 -15.36
C ASP C 246 8.96 -7.34 -14.68
N ILE C 247 9.98 -8.19 -14.64
CA ILE C 247 9.91 -9.44 -13.90
C ILE C 247 10.18 -9.19 -12.42
N ASN C 248 9.23 -9.58 -11.57
CA ASN C 248 9.33 -9.31 -10.14
C ASN C 248 9.69 -10.53 -9.31
N ALA C 249 9.44 -11.73 -9.81
CA ALA C 249 9.67 -12.95 -9.05
C ALA C 249 10.09 -14.07 -9.98
N ILE C 250 10.75 -15.08 -9.41
CA ILE C 250 11.30 -16.21 -10.17
C ILE C 250 11.50 -17.37 -9.20
N CYS C 251 11.09 -18.57 -9.64
N CYS C 251 11.09 -18.57 -9.64
CA CYS C 251 11.32 -19.80 -8.90
CA CYS C 251 11.33 -19.80 -8.90
C CYS C 251 11.61 -20.93 -9.88
C CYS C 251 11.61 -20.93 -9.88
N PHE C 252 12.27 -21.97 -9.38
CA PHE C 252 12.58 -23.17 -10.14
C PHE C 252 11.60 -24.30 -9.94
N PHE C 253 11.38 -25.03 -11.03
CA PHE C 253 10.71 -26.31 -10.94
C PHE C 253 11.60 -27.26 -10.14
N PRO C 254 11.02 -28.12 -9.31
CA PRO C 254 11.84 -29.00 -8.47
C PRO C 254 12.84 -29.84 -9.25
N ASN C 255 12.61 -30.08 -10.54
CA ASN C 255 13.56 -30.88 -11.31
C ASN C 255 14.87 -30.13 -11.56
N GLY C 256 14.80 -28.83 -11.82
CA GLY C 256 15.99 -28.04 -12.04
C GLY C 256 16.23 -27.62 -13.48
N ASN C 257 15.46 -28.15 -14.43
CA ASN C 257 15.59 -27.79 -15.85
C ASN C 257 14.43 -26.94 -16.34
N ALA C 258 13.77 -26.22 -15.44
CA ALA C 258 12.67 -25.34 -15.81
C ALA C 258 12.48 -24.32 -14.70
N PHE C 259 11.80 -23.22 -15.04
CA PHE C 259 11.55 -22.20 -14.03
C PHE C 259 10.36 -21.34 -14.44
N ALA C 260 9.77 -20.69 -13.45
CA ALA C 260 8.60 -19.83 -13.67
C ALA C 260 8.92 -18.41 -13.25
N THR C 261 8.33 -17.45 -13.95
CA THR C 261 8.52 -16.04 -13.70
C THR C 261 7.17 -15.34 -13.64
N GLY C 262 7.12 -14.29 -12.82
CA GLY C 262 5.95 -13.43 -12.77
C GLY C 262 6.32 -11.98 -12.99
N SER C 263 5.44 -11.25 -13.68
CA SER C 263 5.75 -9.89 -14.09
C SER C 263 4.57 -8.98 -13.86
N ASP C 264 4.78 -7.68 -14.15
CA ASP C 264 3.76 -6.67 -13.95
C ASP C 264 2.62 -6.77 -14.95
N ASP C 265 2.81 -7.51 -16.04
CA ASP C 265 1.79 -7.68 -17.07
C ASP C 265 0.73 -8.70 -16.69
N ALA C 266 0.64 -9.06 -15.41
CA ALA C 266 -0.42 -9.94 -14.91
C ALA C 266 -0.36 -11.32 -15.57
N THR C 267 0.85 -11.85 -15.70
CA THR C 267 1.05 -13.14 -16.34
C THR C 267 2.18 -13.89 -15.66
N CYS C 268 2.06 -15.20 -15.63
CA CYS C 268 3.12 -16.10 -15.19
C CYS C 268 3.59 -16.87 -16.41
N ARG C 269 4.88 -17.11 -16.50
CA ARG C 269 5.41 -17.80 -17.67
C ARG C 269 6.39 -18.88 -17.24
N LEU C 270 6.33 -20.03 -17.91
CA LEU C 270 7.21 -21.15 -17.63
C LEU C 270 8.22 -21.25 -18.76
N PHE C 271 9.50 -21.15 -18.42
CA PHE C 271 10.59 -21.30 -19.37
C PHE C 271 11.30 -22.61 -19.08
N ASP C 272 11.82 -23.23 -20.14
CA ASP C 272 12.66 -24.41 -20.00
C ASP C 272 14.10 -24.06 -20.35
N LEU C 273 15.04 -24.69 -19.66
CA LEU C 273 16.44 -24.40 -19.91
C LEU C 273 16.94 -25.10 -21.16
N ARG C 274 16.59 -26.39 -21.32
CA ARG C 274 17.13 -27.16 -22.43
C ARG C 274 16.44 -26.82 -23.76
N ALA C 275 15.18 -26.42 -23.73
CA ALA C 275 14.49 -26.02 -24.95
C ALA C 275 14.66 -24.54 -25.29
N ASP C 276 14.99 -23.70 -24.31
CA ASP C 276 15.33 -22.29 -24.56
C ASP C 276 14.15 -21.53 -25.16
N GLN C 277 12.99 -21.67 -24.52
CA GLN C 277 11.83 -20.88 -24.90
C GLN C 277 10.72 -21.12 -23.88
N GLU C 278 9.67 -20.32 -24.00
CA GLU C 278 8.52 -20.44 -23.12
C GLU C 278 7.71 -21.69 -23.43
N LEU C 279 7.17 -22.30 -22.38
CA LEU C 279 6.34 -23.50 -22.53
C LEU C 279 4.87 -23.22 -22.28
N MET C 280 4.54 -22.33 -21.35
CA MET C 280 3.15 -22.09 -20.99
C MET C 280 3.02 -20.73 -20.33
N THR C 281 1.84 -20.12 -20.50
CA THR C 281 1.52 -18.80 -19.98
C THR C 281 0.26 -18.90 -19.13
N TYR C 282 0.33 -18.34 -17.93
CA TYR C 282 -0.71 -18.45 -16.90
C TYR C 282 -1.32 -17.08 -16.73
N SER C 283 -2.58 -16.94 -17.14
CA SER C 283 -3.23 -15.64 -17.11
C SER C 283 -4.73 -15.86 -17.14
N HIS C 284 -5.47 -14.82 -16.73
CA HIS C 284 -6.91 -14.77 -16.86
C HIS C 284 -7.28 -13.33 -17.20
N ASP C 285 -8.33 -13.16 -18.01
CA ASP C 285 -8.64 -11.81 -18.42
C ASP C 285 -9.31 -11.00 -17.32
N ASN C 286 -9.58 -11.58 -16.15
CA ASN C 286 -10.03 -10.80 -15.00
C ASN C 286 -8.87 -10.41 -14.07
N ILE C 287 -7.63 -10.80 -14.37
CA ILE C 287 -6.48 -10.39 -13.57
C ILE C 287 -5.69 -9.37 -14.36
N ILE C 288 -5.65 -8.12 -13.88
CA ILE C 288 -5.02 -7.02 -14.58
C ILE C 288 -3.89 -6.40 -13.76
N CYS C 289 -3.54 -6.99 -12.63
N CYS C 289 -3.55 -6.99 -12.62
CA CYS C 289 -2.54 -6.44 -11.73
CA CYS C 289 -2.55 -6.45 -11.71
C CYS C 289 -1.31 -7.34 -11.69
C CYS C 289 -1.31 -7.34 -11.71
N GLY C 290 -0.18 -6.76 -11.31
CA GLY C 290 1.09 -7.44 -11.38
C GLY C 290 1.20 -8.62 -10.44
N ILE C 291 2.39 -9.20 -10.43
CA ILE C 291 2.70 -10.38 -9.64
C ILE C 291 3.95 -10.12 -8.81
N THR C 292 3.91 -10.51 -7.54
CA THR C 292 4.94 -10.15 -6.59
C THR C 292 5.81 -11.34 -6.18
N SER C 293 5.27 -12.56 -6.19
CA SER C 293 6.01 -13.73 -5.75
C SER C 293 5.48 -14.94 -6.49
N VAL C 294 6.37 -15.91 -6.73
CA VAL C 294 6.02 -17.17 -7.39
C VAL C 294 6.75 -18.29 -6.67
N SER C 295 6.14 -19.48 -6.66
CA SER C 295 6.78 -20.65 -6.06
C SER C 295 6.06 -21.91 -6.46
N PHE C 296 6.80 -22.98 -6.69
CA PHE C 296 6.22 -24.27 -7.04
C PHE C 296 5.95 -25.10 -5.79
N SER C 297 5.07 -26.08 -5.93
CA SER C 297 4.88 -27.09 -4.90
C SER C 297 6.05 -28.07 -4.90
N LYS C 298 5.97 -29.09 -4.04
CA LYS C 298 7.07 -30.04 -3.92
C LYS C 298 7.25 -30.84 -5.20
N SER C 299 6.16 -31.19 -5.86
CA SER C 299 6.20 -31.94 -7.11
C SER C 299 6.19 -31.05 -8.33
N GLY C 300 6.04 -29.74 -8.16
CA GLY C 300 5.97 -28.83 -9.29
C GLY C 300 4.64 -28.84 -10.01
N ARG C 301 3.65 -29.60 -9.53
CA ARG C 301 2.35 -29.64 -10.17
C ARG C 301 1.55 -28.37 -9.91
N LEU C 302 1.76 -27.72 -8.77
CA LEU C 302 1.05 -26.50 -8.40
C LEU C 302 2.00 -25.31 -8.44
N LEU C 303 1.55 -24.21 -9.03
CA LEU C 303 2.32 -22.97 -9.10
C LEU C 303 1.56 -21.90 -8.34
N LEU C 304 2.13 -21.39 -7.26
CA LEU C 304 1.46 -20.36 -6.47
C LEU C 304 2.04 -19.01 -6.83
N ALA C 305 1.16 -18.02 -7.04
CA ALA C 305 1.57 -16.68 -7.42
C ALA C 305 0.82 -15.66 -6.58
N GLY C 306 1.54 -14.65 -6.09
CA GLY C 306 0.94 -13.58 -5.33
C GLY C 306 0.73 -12.36 -6.21
N TYR C 307 -0.46 -11.76 -6.09
CA TYR C 307 -0.86 -10.69 -6.99
C TYR C 307 -1.11 -9.41 -6.21
N ASP C 308 -1.23 -8.31 -6.96
CA ASP C 308 -1.55 -7.01 -6.38
C ASP C 308 -3.01 -6.92 -5.96
N ASP C 309 -3.87 -7.82 -6.46
CA ASP C 309 -5.30 -7.80 -6.21
C ASP C 309 -5.69 -8.42 -4.87
N PHE C 310 -4.74 -8.53 -3.94
CA PHE C 310 -4.87 -8.97 -2.56
C PHE C 310 -4.97 -10.48 -2.42
N ASN C 311 -4.96 -11.23 -3.51
CA ASN C 311 -5.18 -12.67 -3.52
C ASN C 311 -3.90 -13.41 -3.89
N CYS C 312 -3.92 -14.73 -3.67
CA CYS C 312 -2.86 -15.59 -4.17
C CYS C 312 -3.51 -16.68 -5.01
N ASN C 313 -3.12 -16.79 -6.27
CA ASN C 313 -3.70 -17.78 -7.17
C ASN C 313 -2.85 -19.03 -7.30
N VAL C 314 -3.51 -20.19 -7.23
CA VAL C 314 -2.84 -21.48 -7.39
C VAL C 314 -3.16 -21.98 -8.79
N TRP C 315 -2.15 -22.07 -9.65
CA TRP C 315 -2.29 -22.47 -11.03
C TRP C 315 -1.86 -23.93 -11.20
N ASP C 316 -2.46 -24.58 -12.20
CA ASP C 316 -2.04 -25.91 -12.61
C ASP C 316 -0.92 -25.76 -13.65
N ALA C 317 0.32 -26.07 -13.23
CA ALA C 317 1.46 -25.79 -14.08
C ALA C 317 1.45 -26.58 -15.38
N LEU C 318 0.58 -27.58 -15.51
CA LEU C 318 0.48 -28.38 -16.72
C LEU C 318 -0.73 -28.06 -17.57
N LYS C 319 -1.83 -27.61 -16.97
CA LYS C 319 -3.08 -27.39 -17.69
C LYS C 319 -3.46 -25.92 -17.82
N ALA C 320 -2.68 -25.01 -17.24
CA ALA C 320 -2.94 -23.57 -17.23
C ALA C 320 -4.23 -23.20 -16.52
N ASP C 321 -4.91 -24.18 -15.90
CA ASP C 321 -6.11 -23.93 -15.12
C ASP C 321 -5.76 -23.46 -13.72
N ARG C 322 -6.55 -22.52 -13.20
CA ARG C 322 -6.42 -22.12 -11.81
C ARG C 322 -7.23 -23.08 -10.95
N ALA C 323 -6.63 -23.53 -9.84
CA ALA C 323 -7.24 -24.58 -9.03
C ALA C 323 -7.66 -24.07 -7.66
N GLY C 324 -7.47 -22.79 -7.38
CA GLY C 324 -7.85 -22.24 -6.10
C GLY C 324 -7.31 -20.84 -5.85
N VAL C 325 -7.90 -20.14 -4.89
CA VAL C 325 -7.46 -18.80 -4.52
C VAL C 325 -7.22 -18.77 -3.01
N LEU C 326 -6.36 -17.86 -2.59
CA LEU C 326 -6.03 -17.62 -1.19
C LEU C 326 -6.35 -16.16 -0.95
N ALA C 327 -7.63 -15.89 -0.63
CA ALA C 327 -8.11 -14.55 -0.29
C ALA C 327 -8.08 -14.35 1.22
N GLY C 328 -6.92 -13.96 1.74
CA GLY C 328 -6.85 -13.77 3.18
C GLY C 328 -6.06 -12.57 3.67
N HIS C 329 -5.38 -11.89 2.76
CA HIS C 329 -4.66 -10.66 3.08
C HIS C 329 -5.44 -9.40 2.75
N ASP C 330 -5.23 -8.37 3.57
CA ASP C 330 -5.91 -7.09 3.46
C ASP C 330 -5.05 -6.04 2.78
N ASN C 331 -3.87 -6.41 2.26
CA ASN C 331 -3.00 -5.50 1.54
C ASN C 331 -2.16 -6.32 0.57
N ARG C 332 -1.28 -5.65 -0.15
CA ARG C 332 -0.53 -6.32 -1.21
C ARG C 332 0.27 -7.50 -0.69
N VAL C 333 0.07 -8.67 -1.31
CA VAL C 333 0.87 -9.83 -0.97
C VAL C 333 2.28 -9.65 -1.54
N SER C 334 3.25 -9.48 -0.66
CA SER C 334 4.59 -9.14 -1.10
C SER C 334 5.49 -10.35 -1.34
N CYS C 335 5.19 -11.49 -0.72
CA CYS C 335 6.08 -12.63 -0.83
C CYS C 335 5.35 -13.90 -0.41
N LEU C 336 5.90 -15.04 -0.80
CA LEU C 336 5.40 -16.32 -0.34
C LEU C 336 6.50 -17.36 -0.51
N GLY C 337 6.26 -18.54 0.04
CA GLY C 337 7.24 -19.61 -0.04
C GLY C 337 6.80 -20.93 0.52
N VAL C 338 7.13 -22.01 -0.18
CA VAL C 338 6.77 -23.38 0.22
C VAL C 338 7.92 -23.99 1.00
N THR C 339 7.60 -24.80 2.00
CA THR C 339 8.62 -25.49 2.75
C THR C 339 9.33 -26.52 1.87
N ASP C 340 10.53 -26.92 2.30
CA ASP C 340 11.28 -27.88 1.49
C ASP C 340 10.70 -29.28 1.61
N ASP C 341 9.92 -29.56 2.66
CA ASP C 341 9.19 -30.81 2.78
C ASP C 341 7.79 -30.76 2.16
N GLY C 342 7.37 -29.61 1.64
CA GLY C 342 6.07 -29.48 1.02
C GLY C 342 4.86 -29.50 1.92
N MET C 343 5.02 -29.37 3.24
CA MET C 343 3.88 -29.53 4.14
C MET C 343 2.97 -28.31 4.14
N ALA C 344 3.50 -27.13 3.83
CA ALA C 344 2.70 -25.91 3.90
C ALA C 344 3.40 -24.82 3.11
N VAL C 345 2.64 -23.77 2.81
CA VAL C 345 3.18 -22.58 2.18
C VAL C 345 2.87 -21.39 3.08
N ALA C 346 3.81 -20.45 3.16
CA ALA C 346 3.61 -19.24 3.93
C ALA C 346 3.49 -18.05 2.99
N THR C 347 2.75 -17.04 3.44
CA THR C 347 2.52 -15.85 2.63
C THR C 347 2.71 -14.61 3.48
N GLY C 348 3.57 -13.71 3.02
CA GLY C 348 3.77 -12.40 3.62
C GLY C 348 3.17 -11.31 2.76
N SER C 349 2.52 -10.34 3.39
CA SER C 349 1.81 -9.30 2.69
C SER C 349 2.12 -7.96 3.34
N TRP C 350 1.63 -6.88 2.71
CA TRP C 350 1.78 -5.53 3.22
C TRP C 350 0.76 -5.17 4.30
N ASP C 351 0.02 -6.14 4.83
CA ASP C 351 -0.85 -5.90 5.97
C ASP C 351 -0.15 -6.16 7.29
N SER C 352 1.15 -6.47 7.25
CA SER C 352 1.97 -6.76 8.42
C SER C 352 1.56 -8.07 9.10
N PHE C 353 1.25 -9.08 8.28
CA PHE C 353 0.85 -10.38 8.78
C PHE C 353 1.43 -11.47 7.87
N LEU C 354 1.81 -12.59 8.47
CA LEU C 354 2.19 -13.79 7.75
C LEU C 354 1.14 -14.85 7.98
N LYS C 355 0.81 -15.61 6.94
CA LYS C 355 -0.23 -16.62 7.05
C LYS C 355 0.26 -17.93 6.46
N ILE C 356 0.05 -19.02 7.18
CA ILE C 356 0.37 -20.37 6.72
C ILE C 356 -0.88 -21.01 6.14
N TRP C 357 -0.73 -21.68 5.00
CA TRP C 357 -1.84 -22.28 4.26
C TRP C 357 -1.46 -23.73 3.99
N ASN C 358 -2.01 -24.64 4.78
CA ASN C 358 -1.99 -26.06 4.44
C ASN C 358 -3.40 -26.56 4.15
N SER D 8 26.91 2.49 -26.81
CA SER D 8 28.34 2.56 -26.99
C SER D 8 28.87 1.37 -27.79
N ILE D 9 30.13 1.48 -28.22
CA ILE D 9 30.72 0.46 -29.07
C ILE D 9 31.15 -0.75 -28.25
N ALA D 10 31.59 -0.55 -27.00
CA ALA D 10 31.98 -1.68 -26.16
C ALA D 10 30.77 -2.46 -25.67
N GLN D 11 29.69 -1.77 -25.29
CA GLN D 11 28.50 -2.51 -24.89
C GLN D 11 27.85 -3.20 -26.07
N ALA D 12 28.12 -2.74 -27.29
CA ALA D 12 27.55 -3.40 -28.45
C ALA D 12 28.39 -4.61 -28.82
N ARG D 13 29.71 -4.49 -28.67
CA ARG D 13 30.57 -5.65 -28.90
C ARG D 13 30.26 -6.73 -27.87
N LYS D 14 29.97 -6.33 -26.63
CA LYS D 14 29.64 -7.33 -25.62
C LYS D 14 28.27 -7.93 -25.88
N LEU D 15 27.33 -7.15 -26.42
CA LEU D 15 26.02 -7.71 -26.71
C LEU D 15 26.12 -8.69 -27.87
N VAL D 16 27.01 -8.42 -28.81
CA VAL D 16 27.18 -9.28 -29.98
C VAL D 16 27.85 -10.58 -29.57
N GLU D 17 28.92 -10.49 -28.77
CA GLU D 17 29.57 -11.71 -28.31
C GLU D 17 28.66 -12.53 -27.40
N GLN D 18 27.83 -11.87 -26.59
CA GLN D 18 26.84 -12.61 -25.79
C GLN D 18 25.82 -13.33 -26.66
N LEU D 19 25.35 -12.67 -27.73
CA LEU D 19 24.40 -13.35 -28.61
C LEU D 19 25.05 -14.47 -29.40
N LYS D 20 26.33 -14.34 -29.78
CA LYS D 20 26.98 -15.45 -30.47
C LYS D 20 27.19 -16.62 -29.52
N MET D 21 27.47 -16.33 -28.24
CA MET D 21 27.61 -17.39 -27.26
C MET D 21 26.28 -18.10 -27.04
N GLU D 22 25.19 -17.33 -26.97
CA GLU D 22 23.87 -17.90 -26.74
C GLU D 22 23.32 -18.62 -27.97
N ALA D 23 23.83 -18.29 -29.16
CA ALA D 23 23.31 -18.89 -30.39
C ALA D 23 23.82 -20.32 -30.62
N ASN D 24 25.07 -20.61 -30.25
CA ASN D 24 25.66 -21.91 -30.53
C ASN D 24 25.37 -22.94 -29.45
N ILE D 25 24.33 -22.74 -28.65
CA ILE D 25 23.87 -23.76 -27.71
C ILE D 25 23.02 -24.78 -28.45
N ASP D 26 22.97 -26.00 -27.91
CA ASP D 26 22.20 -27.10 -28.47
C ASP D 26 20.91 -27.28 -27.68
N ARG D 27 19.77 -27.20 -28.36
CA ARG D 27 18.47 -27.27 -27.72
C ARG D 27 17.80 -28.61 -28.02
N ILE D 28 16.95 -29.04 -27.09
CA ILE D 28 16.19 -30.26 -27.25
C ILE D 28 14.78 -29.92 -27.68
N LYS D 29 14.04 -30.93 -28.13
CA LYS D 29 12.66 -30.75 -28.58
C LYS D 29 11.76 -30.38 -27.41
N VAL D 30 10.79 -29.51 -27.67
CA VAL D 30 9.84 -29.11 -26.64
C VAL D 30 9.01 -30.31 -26.18
N SER D 31 8.69 -31.22 -27.10
CA SER D 31 7.92 -32.41 -26.77
C SER D 31 8.64 -33.25 -25.71
N LYS D 32 9.95 -33.39 -25.83
CA LYS D 32 10.71 -34.16 -24.84
C LYS D 32 10.89 -33.38 -23.55
N ALA D 33 11.10 -32.06 -23.63
CA ALA D 33 11.24 -31.28 -22.40
C ALA D 33 9.95 -31.34 -21.58
N ALA D 34 8.81 -31.32 -22.26
CA ALA D 34 7.56 -31.48 -21.55
C ALA D 34 7.40 -32.92 -21.06
N ALA D 35 7.94 -33.90 -21.79
CA ALA D 35 7.76 -35.26 -21.30
C ALA D 35 8.56 -35.47 -20.01
N ASP D 36 9.69 -34.75 -19.88
CA ASP D 36 10.47 -34.84 -18.65
C ASP D 36 9.77 -34.10 -17.52
N LEU D 37 9.16 -32.95 -17.82
CA LEU D 37 8.40 -32.27 -16.76
C LEU D 37 7.23 -33.13 -16.29
N MET D 38 6.51 -33.76 -17.22
CA MET D 38 5.40 -34.63 -16.84
C MET D 38 5.89 -35.84 -16.06
N ALA D 39 7.07 -36.36 -16.42
CA ALA D 39 7.58 -37.53 -15.70
C ALA D 39 7.99 -37.14 -14.30
N TYR D 40 8.62 -35.98 -14.14
CA TYR D 40 8.99 -35.60 -12.79
C TYR D 40 7.74 -35.29 -11.98
N CYS D 41 6.66 -34.84 -12.65
CA CYS D 41 5.44 -34.52 -11.90
C CYS D 41 4.79 -35.79 -11.33
N GLU D 42 4.39 -36.74 -12.19
CA GLU D 42 3.75 -37.92 -11.59
C GLU D 42 4.75 -38.82 -10.86
N ALA D 43 6.06 -38.70 -11.12
CA ALA D 43 7.00 -39.48 -10.33
C ALA D 43 7.08 -39.01 -8.89
N HIS D 44 6.63 -37.79 -8.60
CA HIS D 44 6.62 -37.29 -7.23
C HIS D 44 5.21 -36.89 -6.79
N ALA D 45 4.18 -37.26 -7.56
CA ALA D 45 2.83 -36.80 -7.25
C ALA D 45 2.34 -37.36 -5.92
N LYS D 46 2.68 -38.63 -5.64
CA LYS D 46 2.19 -39.26 -4.42
C LYS D 46 2.90 -38.79 -3.17
N GLU D 47 3.96 -37.98 -3.31
CA GLU D 47 4.72 -37.45 -2.19
C GLU D 47 4.56 -35.95 -2.02
N ASP D 48 3.56 -35.34 -2.66
CA ASP D 48 3.39 -33.90 -2.50
C ASP D 48 2.21 -33.63 -1.58
N PRO D 49 2.44 -33.30 -0.30
CA PRO D 49 1.33 -33.09 0.64
C PRO D 49 0.43 -31.94 0.25
N LEU D 50 0.99 -30.94 -0.44
CA LEU D 50 0.24 -29.78 -0.90
C LEU D 50 -0.69 -30.09 -2.06
N LEU D 51 -0.42 -31.13 -2.84
CA LEU D 51 -1.33 -31.53 -3.91
C LEU D 51 -2.39 -32.50 -3.41
N THR D 52 -1.96 -33.63 -2.85
CA THR D 52 -2.89 -34.57 -2.23
C THR D 52 -2.88 -34.31 -0.73
N PRO D 53 -3.95 -33.77 -0.16
CA PRO D 53 -3.93 -33.42 1.27
C PRO D 53 -3.75 -34.63 2.15
N VAL D 54 -2.84 -34.52 3.12
CA VAL D 54 -2.54 -35.57 4.08
C VAL D 54 -3.55 -35.53 5.22
N PRO D 55 -3.98 -36.69 5.73
CA PRO D 55 -4.86 -36.70 6.91
C PRO D 55 -4.23 -35.94 8.07
N ALA D 56 -5.10 -35.31 8.87
CA ALA D 56 -4.73 -34.44 9.98
C ALA D 56 -3.90 -35.10 11.07
N SER D 57 -3.80 -36.44 11.13
CA SER D 57 -2.97 -37.02 12.17
C SER D 57 -1.48 -36.76 11.93
N GLU D 58 -1.05 -36.79 10.67
CA GLU D 58 0.35 -36.59 10.32
C GLU D 58 0.62 -35.18 9.79
N ASN D 59 -0.32 -34.26 9.99
CA ASN D 59 -0.16 -32.87 9.56
C ASN D 59 0.35 -32.04 10.72
N PRO D 60 1.58 -31.53 10.66
CA PRO D 60 2.12 -30.75 11.78
C PRO D 60 1.41 -29.42 12.02
N PHE D 61 0.57 -28.97 11.08
CA PHE D 61 -0.13 -27.71 11.27
C PHE D 61 -1.59 -27.92 11.69
N ARG D 62 -2.03 -29.16 11.83
CA ARG D 62 -3.35 -29.48 12.37
C ARG D 62 -3.16 -30.19 13.70
N GLU D 63 -3.52 -29.53 14.79
CA GLU D 63 -3.42 -30.09 16.13
C GLU D 63 -1.97 -30.42 16.50
N GLN E 23 9.94 -10.61 -26.79
CA GLN E 23 10.93 -9.55 -26.90
C GLN E 23 10.28 -8.19 -27.10
N VAL E 24 10.31 -7.36 -26.06
CA VAL E 24 9.77 -6.00 -26.15
C VAL E 24 10.64 -5.22 -27.13
N GLN E 25 10.09 -4.94 -28.32
CA GLN E 25 10.88 -4.44 -29.43
C GLN E 25 10.23 -3.19 -30.00
N LEU E 26 11.06 -2.16 -30.26
CA LEU E 26 10.60 -0.87 -30.76
C LEU E 26 11.49 -0.43 -31.91
N GLN E 27 10.88 0.01 -33.01
CA GLN E 27 11.60 0.70 -34.08
C GLN E 27 10.87 1.97 -34.46
N GLU E 28 11.46 3.11 -34.16
CA GLU E 28 10.96 4.38 -34.68
C GLU E 28 11.66 4.68 -35.99
N SER E 29 10.95 5.39 -36.87
CA SER E 29 11.45 5.68 -38.20
C SER E 29 10.93 7.03 -38.65
N GLY E 30 11.63 7.62 -39.62
CA GLY E 30 11.36 8.95 -40.09
C GLY E 30 12.38 9.96 -39.60
N GLY E 31 12.35 11.12 -40.19
CA GLY E 31 13.24 12.19 -39.79
C GLY E 31 14.48 12.28 -40.65
N GLY E 32 15.02 13.49 -40.76
CA GLY E 32 16.20 13.71 -41.56
C GLY E 32 16.48 15.20 -41.67
N LEU E 33 17.29 15.55 -42.67
CA LEU E 33 17.61 16.94 -42.96
C LEU E 33 16.36 17.65 -43.44
N VAL E 34 15.84 18.57 -42.61
CA VAL E 34 14.65 19.33 -42.94
C VAL E 34 14.89 20.80 -42.58
N GLN E 35 14.59 21.69 -43.51
CA GLN E 35 14.78 23.12 -43.26
C GLN E 35 13.77 23.62 -42.24
N PRO E 36 14.08 24.71 -41.53
CA PRO E 36 13.12 25.24 -40.56
C PRO E 36 11.79 25.59 -41.21
N GLY E 37 10.70 25.33 -40.48
CA GLY E 37 9.37 25.50 -40.99
C GLY E 37 8.82 24.30 -41.73
N GLY E 38 9.58 23.22 -41.85
CA GLY E 38 9.14 22.04 -42.57
C GLY E 38 8.25 21.16 -41.72
N SER E 39 7.94 19.99 -42.27
CA SER E 39 7.08 19.02 -41.62
C SER E 39 7.72 17.65 -41.67
N LEU E 40 7.51 16.87 -40.61
CA LEU E 40 8.05 15.52 -40.53
C LEU E 40 7.02 14.59 -39.92
N ARG E 41 7.18 13.30 -40.20
CA ARG E 41 6.32 12.25 -39.66
C ARG E 41 7.20 11.18 -39.04
N LEU E 42 7.06 10.99 -37.73
CA LEU E 42 7.77 9.95 -37.01
C LEU E 42 6.81 8.81 -36.72
N SER E 43 7.17 7.60 -37.11
CA SER E 43 6.32 6.43 -36.95
C SER E 43 7.07 5.38 -36.14
N CYS E 44 6.50 5.00 -34.99
CA CYS E 44 7.09 4.00 -34.12
C CYS E 44 6.28 2.72 -34.25
N ALA E 45 6.94 1.65 -34.67
CA ALA E 45 6.36 0.33 -34.74
C ALA E 45 6.79 -0.48 -33.53
N ALA E 46 5.82 -1.05 -32.83
CA ALA E 46 6.02 -1.72 -31.57
C ALA E 46 5.59 -3.17 -31.68
N SER E 47 6.44 -4.08 -31.20
CA SER E 47 6.14 -5.50 -31.22
C SER E 47 6.54 -6.10 -29.88
N GLY E 48 5.90 -7.21 -29.53
CA GLY E 48 6.19 -7.91 -28.31
C GLY E 48 5.30 -7.59 -27.13
N PHE E 49 4.36 -6.65 -27.29
CA PHE E 49 3.44 -6.31 -26.22
C PHE E 49 2.13 -5.84 -26.82
N THR E 50 1.11 -5.80 -25.97
CA THR E 50 -0.20 -5.32 -26.38
C THR E 50 -0.19 -3.80 -26.41
N PHE E 51 -0.34 -3.23 -27.61
CA PHE E 51 -0.19 -1.80 -27.79
C PHE E 51 -1.26 -1.02 -27.03
N SER E 52 -2.49 -1.56 -26.98
CA SER E 52 -3.61 -0.79 -26.45
C SER E 52 -3.49 -0.57 -24.95
N ASN E 53 -2.79 -1.46 -24.24
CA ASN E 53 -2.78 -1.39 -22.78
C ASN E 53 -1.81 -0.35 -22.23
N TYR E 54 -0.94 0.22 -23.06
CA TYR E 54 0.21 0.96 -22.56
C TYR E 54 0.14 2.44 -22.92
N LYS E 55 0.35 3.28 -21.92
CA LYS E 55 0.60 4.69 -22.15
C LYS E 55 1.95 4.86 -22.84
N MET E 56 1.99 5.76 -23.82
CA MET E 56 3.18 5.95 -24.63
C MET E 56 3.62 7.40 -24.62
N ASN E 57 4.91 7.60 -24.89
CA ASN E 57 5.54 8.92 -24.86
C ASN E 57 6.48 9.07 -26.05
N TRP E 58 6.67 10.32 -26.46
CA TRP E 58 7.74 10.69 -27.37
C TRP E 58 8.72 11.55 -26.57
N VAL E 59 9.99 11.15 -26.55
CA VAL E 59 11.01 11.85 -25.78
C VAL E 59 12.20 12.15 -26.70
N ARG E 60 12.73 13.36 -26.58
CA ARG E 60 13.82 13.80 -27.44
C ARG E 60 15.06 14.08 -26.62
N GLN E 61 16.22 13.85 -27.24
CA GLN E 61 17.53 14.09 -26.63
C GLN E 61 18.30 15.04 -27.52
N ALA E 62 18.47 16.28 -27.07
CA ALA E 62 19.26 17.25 -27.81
C ALA E 62 20.74 16.98 -27.62
N PRO E 63 21.57 17.33 -28.61
CA PRO E 63 23.02 17.14 -28.46
C PRO E 63 23.56 17.95 -27.29
N GLY E 64 24.47 17.33 -26.54
CA GLY E 64 25.07 18.00 -25.39
C GLY E 64 24.08 18.37 -24.31
N LYS E 65 23.06 17.54 -24.11
CA LYS E 65 22.06 17.79 -23.08
C LYS E 65 21.37 16.49 -22.73
N GLY E 66 20.68 16.50 -21.59
CA GLY E 66 19.95 15.33 -21.15
C GLY E 66 18.63 15.15 -21.87
N LEU E 67 18.02 14.00 -21.65
CA LEU E 67 16.73 13.70 -22.28
C LEU E 67 15.63 14.57 -21.69
N GLU E 68 14.70 14.97 -22.53
CA GLU E 68 13.51 15.69 -22.09
C GLU E 68 12.28 15.06 -22.70
N TRP E 69 11.20 15.02 -21.93
CA TRP E 69 9.95 14.46 -22.41
C TRP E 69 9.25 15.46 -23.33
N VAL E 70 8.80 14.98 -24.48
CA VAL E 70 8.18 15.81 -25.50
C VAL E 70 6.66 15.70 -25.47
N SER E 71 6.13 14.49 -25.58
CA SER E 71 4.68 14.33 -25.67
C SER E 71 4.24 13.03 -25.02
N ASP E 72 2.98 13.01 -24.59
CA ASP E 72 2.35 11.85 -23.98
C ASP E 72 1.15 11.42 -24.82
N ILE E 73 0.62 10.25 -24.50
CA ILE E 73 -0.63 9.75 -25.06
C ILE E 73 -1.34 8.95 -23.98
N SER E 74 -2.56 8.51 -24.27
CA SER E 74 -3.34 7.70 -23.35
C SER E 74 -3.43 6.27 -23.87
N GLN E 75 -4.15 5.43 -23.10
CA GLN E 75 -4.37 4.06 -23.54
C GLN E 75 -5.19 4.02 -24.82
N SER E 76 -6.24 4.85 -24.90
CA SER E 76 -7.10 4.91 -26.07
C SER E 76 -7.03 6.24 -26.80
N GLY E 77 -6.04 7.07 -26.49
CA GLY E 77 -5.90 8.37 -27.12
C GLY E 77 -6.75 9.48 -26.51
N ALA E 78 -7.50 9.19 -25.44
CA ALA E 78 -8.37 10.19 -24.86
C ALA E 78 -7.57 11.34 -24.23
N SER E 79 -6.51 11.03 -23.50
CA SER E 79 -5.72 12.03 -22.80
C SER E 79 -4.44 12.29 -23.57
N ILE E 80 -4.20 13.56 -23.91
CA ILE E 80 -3.05 13.97 -24.70
C ILE E 80 -2.41 15.18 -24.03
N SER E 81 -1.08 15.19 -23.94
CA SER E 81 -0.36 16.32 -23.39
C SER E 81 0.97 16.49 -24.11
N TYR E 82 1.46 17.72 -24.14
CA TYR E 82 2.72 18.06 -24.80
C TYR E 82 3.54 18.97 -23.90
N THR E 83 4.84 19.03 -24.19
CA THR E 83 5.70 20.03 -23.59
C THR E 83 5.34 21.41 -24.14
N GLY E 84 5.64 22.45 -23.36
CA GLY E 84 5.33 23.80 -23.78
C GLY E 84 6.02 24.20 -25.07
N SER E 85 7.23 23.68 -25.30
CA SER E 85 7.97 24.03 -26.51
C SER E 85 7.25 23.54 -27.76
N VAL E 86 6.70 22.33 -27.72
CA VAL E 86 6.07 21.72 -28.88
C VAL E 86 4.55 21.90 -28.88
N LYS E 87 4.02 22.65 -27.93
CA LYS E 87 2.58 22.84 -27.86
C LYS E 87 2.09 23.69 -29.03
N GLY E 88 1.04 23.22 -29.70
CA GLY E 88 0.49 23.90 -30.85
C GLY E 88 1.21 23.64 -32.15
N ARG E 89 2.28 22.84 -32.14
CA ARG E 89 3.03 22.51 -33.34
C ARG E 89 3.22 21.03 -33.57
N PHE E 90 3.17 20.21 -32.52
CA PHE E 90 3.38 18.77 -32.61
C PHE E 90 2.08 18.06 -32.30
N THR E 91 1.81 16.95 -32.99
CA THR E 91 0.64 16.14 -32.69
C THR E 91 1.05 14.69 -32.54
N ILE E 92 0.37 13.98 -31.64
CA ILE E 92 0.66 12.58 -31.33
C ILE E 92 -0.62 11.78 -31.50
N SER E 93 -0.49 10.58 -32.09
CA SER E 93 -1.65 9.74 -32.39
C SER E 93 -1.26 8.28 -32.25
N ARG E 94 -2.28 7.43 -32.10
CA ARG E 94 -2.08 5.99 -31.99
C ARG E 94 -2.96 5.27 -32.99
N ASP E 95 -2.42 4.21 -33.59
CA ASP E 95 -3.22 3.27 -34.37
C ASP E 95 -3.09 1.92 -33.67
N ASN E 96 -4.09 1.57 -32.87
CA ASN E 96 -4.04 0.32 -32.11
C ASN E 96 -4.15 -0.89 -33.03
N ALA E 97 -5.02 -0.81 -34.04
CA ALA E 97 -5.19 -1.94 -34.95
C ALA E 97 -3.91 -2.23 -35.73
N LYS E 98 -3.27 -1.19 -36.26
CA LYS E 98 -2.01 -1.34 -36.95
C LYS E 98 -0.83 -1.38 -35.97
N ASN E 99 -1.05 -0.96 -34.72
CA ASN E 99 -0.06 -1.02 -33.65
C ASN E 99 1.12 -0.09 -33.93
N THR E 100 0.83 1.20 -34.06
CA THR E 100 1.87 2.19 -34.31
C THR E 100 1.58 3.47 -33.55
N LEU E 101 2.64 4.23 -33.30
CA LEU E 101 2.56 5.54 -32.64
C LEU E 101 3.09 6.60 -33.59
N TYR E 102 2.28 7.61 -33.88
CA TYR E 102 2.60 8.64 -34.85
C TYR E 102 2.88 9.96 -34.16
N LEU E 103 3.90 10.68 -34.65
CA LEU E 103 4.17 12.05 -34.24
C LEU E 103 4.31 12.90 -35.48
N GLN E 104 3.36 13.80 -35.69
CA GLN E 104 3.43 14.79 -36.76
C GLN E 104 4.12 16.04 -36.22
N MET E 105 5.28 16.35 -36.78
CA MET E 105 6.06 17.52 -36.40
C MET E 105 5.85 18.62 -37.43
N ASN E 106 5.44 19.79 -36.96
CA ASN E 106 5.18 20.92 -37.84
C ASN E 106 5.86 22.16 -37.28
N SER E 107 6.16 23.09 -38.18
CA SER E 107 6.81 24.35 -37.83
C SER E 107 8.12 24.10 -37.07
N LEU E 108 9.04 23.39 -37.72
CA LEU E 108 10.29 23.01 -37.09
C LEU E 108 11.15 24.23 -36.81
N LYS E 109 11.93 24.16 -35.73
CA LYS E 109 12.87 25.19 -35.32
C LYS E 109 14.27 24.61 -35.22
N PRO E 110 15.31 25.44 -35.29
CA PRO E 110 16.68 24.92 -35.11
C PRO E 110 16.89 24.27 -33.75
N GLU E 111 16.15 24.70 -32.72
CA GLU E 111 16.27 24.08 -31.41
C GLU E 111 15.63 22.69 -31.36
N ASP E 112 14.86 22.32 -32.39
CA ASP E 112 14.17 21.05 -32.42
C ASP E 112 15.04 19.89 -32.86
N THR E 113 16.30 20.13 -33.20
CA THR E 113 17.19 19.06 -33.63
C THR E 113 17.58 18.21 -32.43
N ALA E 114 17.26 16.92 -32.49
CA ALA E 114 17.45 16.01 -31.38
C ALA E 114 17.16 14.59 -31.87
N VAL E 115 17.60 13.61 -31.08
CA VAL E 115 17.31 12.21 -31.37
C VAL E 115 15.99 11.86 -30.70
N TYR E 116 15.08 11.25 -31.46
CA TYR E 116 13.72 11.04 -31.00
C TYR E 116 13.50 9.57 -30.66
N TYR E 117 12.83 9.32 -29.53
CA TYR E 117 12.58 8.00 -29.00
C TYR E 117 11.09 7.86 -28.72
N CYS E 118 10.53 6.68 -29.00
CA CYS E 118 9.20 6.33 -28.57
C CYS E 118 9.34 5.43 -27.34
N ALA E 119 8.87 5.92 -26.19
CA ALA E 119 9.08 5.27 -24.91
C ALA E 119 7.76 4.73 -24.39
N ARG E 120 7.75 3.45 -24.02
CA ARG E 120 6.58 2.86 -23.41
C ARG E 120 6.65 2.98 -21.89
N CYS E 121 5.53 3.32 -21.28
CA CYS E 121 5.49 3.35 -19.83
C CYS E 121 5.57 1.92 -19.29
N PRO E 122 6.25 1.70 -18.17
CA PRO E 122 6.58 0.31 -17.77
C PRO E 122 5.38 -0.59 -17.54
N ALA E 123 4.26 -0.08 -17.03
CA ALA E 123 3.22 -1.04 -16.67
C ALA E 123 1.92 -0.74 -17.39
N PRO E 124 1.08 -1.73 -17.62
CA PRO E 124 -0.22 -1.48 -18.25
C PRO E 124 -1.25 -0.99 -17.24
N PHE E 125 -2.26 -0.31 -17.77
CA PHE E 125 -3.39 0.17 -16.98
C PHE E 125 -2.93 1.13 -15.87
N THR E 126 -1.92 1.94 -16.18
CA THR E 126 -1.41 2.93 -15.24
C THR E 126 -1.33 4.29 -15.91
N ARG E 127 -1.60 5.33 -15.11
CA ARG E 127 -1.49 6.71 -15.56
C ARG E 127 -0.14 7.33 -15.23
N ASP E 128 0.79 6.57 -14.67
CA ASP E 128 2.07 7.07 -14.23
C ASP E 128 3.19 6.23 -14.85
N CYS E 129 4.32 6.87 -15.15
CA CYS E 129 5.49 6.15 -15.61
C CYS E 129 6.72 7.02 -15.42
N PHE E 130 7.89 6.37 -15.48
CA PHE E 130 9.18 6.96 -15.12
C PHE E 130 10.18 6.74 -16.25
N ASP E 131 9.79 7.08 -17.47
CA ASP E 131 10.51 6.68 -18.68
C ASP E 131 11.36 7.78 -19.29
N VAL E 132 11.94 8.66 -18.47
CA VAL E 132 12.85 9.69 -18.98
C VAL E 132 14.25 9.34 -18.47
N THR E 133 14.51 8.04 -18.31
CA THR E 133 15.76 7.57 -17.72
C THR E 133 16.97 8.18 -18.43
N SER E 134 17.92 8.66 -17.62
CA SER E 134 19.06 9.39 -18.17
C SER E 134 19.92 8.51 -19.07
N THR E 135 20.18 7.28 -18.65
CA THR E 135 21.10 6.40 -19.37
C THR E 135 20.43 5.18 -19.98
N THR E 136 19.77 4.36 -19.17
CA THR E 136 19.27 3.07 -19.63
C THR E 136 17.81 2.90 -19.20
N TYR E 137 16.89 3.08 -20.14
CA TYR E 137 15.50 2.66 -19.97
C TYR E 137 15.25 1.49 -20.89
N ALA E 138 14.76 0.39 -20.33
CA ALA E 138 14.67 -0.86 -21.10
C ALA E 138 13.71 -0.74 -22.27
N TYR E 139 12.55 -0.12 -22.06
CA TYR E 139 11.50 -0.08 -23.07
C TYR E 139 11.59 1.19 -23.91
N ARG E 140 12.74 1.33 -24.58
CA ARG E 140 13.05 2.53 -25.32
C ARG E 140 13.59 2.14 -26.70
N GLY E 141 13.31 3.00 -27.69
CA GLY E 141 13.78 2.75 -29.04
C GLY E 141 15.22 3.15 -29.25
N GLN E 142 15.74 2.82 -30.44
CA GLN E 142 17.13 3.11 -30.76
C GLN E 142 17.34 4.58 -31.10
N GLY E 143 16.40 5.21 -31.78
CA GLY E 143 16.51 6.63 -32.05
C GLY E 143 16.57 6.96 -33.53
N THR E 144 15.89 8.04 -33.91
CA THR E 144 15.95 8.61 -35.25
C THR E 144 16.40 10.05 -35.12
N GLN E 145 17.67 10.30 -35.40
CA GLN E 145 18.21 11.65 -35.24
C GLN E 145 17.56 12.57 -36.26
N VAL E 146 17.14 13.74 -35.80
CA VAL E 146 16.46 14.73 -36.63
C VAL E 146 17.25 16.03 -36.59
N THR E 147 17.57 16.56 -37.76
CA THR E 147 18.30 17.82 -37.89
C THR E 147 17.40 18.87 -38.53
N VAL E 148 17.42 20.07 -37.96
CA VAL E 148 16.75 21.23 -38.53
C VAL E 148 17.77 22.35 -38.63
N SER E 149 18.08 22.77 -39.87
CA SER E 149 19.06 23.81 -40.10
C SER E 149 18.79 24.44 -41.47
N SER E 150 19.37 25.61 -41.67
CA SER E 150 19.21 26.33 -42.92
C SER E 150 20.22 25.86 -43.96
C1 CLR F . -10.91 -4.85 26.15
C2 CLR F . -9.84 -4.89 25.06
C3 CLR F . -10.19 -5.83 23.93
C4 CLR F . -11.46 -5.30 23.29
C5 CLR F . -12.50 -5.28 24.36
C6 CLR F . -13.60 -6.01 24.24
C7 CLR F . -14.93 -5.54 24.77
C8 CLR F . -14.75 -4.69 26.01
C9 CLR F . -13.36 -4.78 26.60
C10 CLR F . -12.27 -4.46 25.60
C11 CLR F . -13.29 -3.83 27.78
C12 CLR F . -14.32 -4.20 28.85
C13 CLR F . -15.71 -4.33 28.26
C14 CLR F . -15.64 -5.24 27.08
C15 CLR F . -17.09 -5.43 26.71
C16 CLR F . -17.77 -5.55 28.07
C17 CLR F . -16.78 -5.01 29.10
C18 CLR F . -16.25 -3.00 27.77
C19 CLR F . -12.30 -3.00 25.25
C20 CLR F . -17.53 -4.18 30.13
C21 CLR F . -16.72 -3.80 31.35
C22 CLR F . -18.73 -5.02 30.56
C23 CLR F . -19.31 -4.47 31.86
C24 CLR F . -20.12 -5.53 32.59
C25 CLR F . -20.69 -4.98 33.90
C26 CLR F . -19.75 -3.98 34.56
C27 CLR F . -22.07 -4.38 33.68
O1 CLR F . -9.14 -5.86 22.97
C10 86W G . -32.34 6.76 33.46
C13 86W G . -32.94 5.40 31.28
C15 86W G . -32.20 7.47 34.76
C20 86W G . -39.75 2.68 33.62
C21 86W G . -41.00 1.91 33.76
C24 86W G . -40.86 2.09 36.25
C28 86W G . -39.23 2.97 32.22
C01 86W G . -39.24 5.95 34.20
C02 86W G . -37.88 5.31 34.40
C03 86W G . -37.78 3.98 34.71
C04 86W G . -36.54 3.42 34.88
C05 86W G . -35.44 4.22 34.77
C06 86W G . -35.53 5.55 34.44
C07 86W G . -36.77 6.10 34.27
C09 86W G . -33.56 6.18 33.29
C11 86W G . -31.36 6.66 32.53
C12 86W G . -31.69 5.96 31.39
C19 86W G . -39.05 3.16 34.83
C27 86W G . -39.00 3.30 37.36
F16 86W G . -33.45 7.75 35.18
F17 86W G . -31.43 8.57 34.67
F18 86W G . -31.66 6.58 35.61
N14 86W G . -33.86 5.52 32.21
N23 86W G . -41.55 1.62 35.05
N26 86W G . -39.62 2.87 36.13
O08 86W G . -34.42 6.39 34.35
O22 86W G . -41.54 1.55 32.79
O25 86W G . -41.30 1.86 37.31
#